data_1NVB
#
_entry.id   1NVB
#
_cell.length_a   131.550
_cell.length_b   84.190
_cell.length_c   73.740
_cell.angle_alpha   90.00
_cell.angle_beta   90.00
_cell.angle_gamma   90.00
#
_symmetry.space_group_name_H-M   'P 21 21 2'
#
loop_
_entity.id
_entity.type
_entity.pdbx_description
1 polymer '3-DEHYDROQUINATE SYNTHASE'
2 non-polymer 'ZINC ION'
3 non-polymer 'CHLORIDE ION'
4 non-polymer NICOTINAMIDE-ADENINE-DINUCLEOTIDE
5 non-polymer '[1R-(1ALPHA,3BETA,4ALPHA,5BETA)]-5-(PHOSPHONOMETHYL)-1,3,4-TRIHYDROXYCYCLOHEXANE-1-CARBOXYLIC ACID'
6 water water
#
_entity_poly.entity_id   1
_entity_poly.type   'polypeptide(L)'
_entity_poly.pdbx_seq_one_letter_code
;MSNPTKISILGRESIIADFGLWRNYVAKDLISDCSSTTYVLVTDTNIGSIYTPSFEEAFRKRAAEITPSPRLLIYNRPPG
EVSKSRQTKADIEDWMLSQNPPCGRDTVVIALGGGVIGDLTGFVASTYMRGVRYVQVPTTLLAMVDSSIGGKTAIDTPLG
KNLIGAIWQPTKIYIDLEFLETLPVREFINGMAEVIKTAAISSEEEFTALEENAETILKAVRREVTPGEHRFEGTEEILK
ARILASARHKAYVVSADEREGGLRNLLNWGHSIGHAIEAILTPQILHGECVAIGMVKEAELARHLGILKGVAVSRIVKCL
AAYGLPTSLKDARIRKLTAGKHCSVDQLMFNMALDKKNDGPKKKIVLLSAIGTPYETRASVVANEDIRVVLAP
;
_entity_poly.pdbx_strand_id   A,B
#
# COMPACT_ATOMS: atom_id res chain seq x y z
N ASN A 3 -43.23 -12.32 -2.48
CA ASN A 3 -43.15 -13.79 -2.24
C ASN A 3 -41.76 -14.13 -1.68
N PRO A 4 -41.50 -15.43 -1.42
CA PRO A 4 -40.20 -15.82 -0.88
C PRO A 4 -39.07 -15.61 -1.90
N THR A 5 -38.17 -14.68 -1.61
CA THR A 5 -37.06 -14.44 -2.53
C THR A 5 -36.07 -15.60 -2.42
N LYS A 6 -35.73 -16.19 -3.55
CA LYS A 6 -34.80 -17.31 -3.57
C LYS A 6 -33.55 -16.94 -4.35
N ILE A 7 -32.41 -17.44 -3.89
CA ILE A 7 -31.11 -17.18 -4.50
C ILE A 7 -30.35 -18.49 -4.68
N SER A 8 -29.74 -18.67 -5.85
CA SER A 8 -28.99 -19.89 -6.13
C SER A 8 -27.52 -19.75 -5.76
N ILE A 9 -26.96 -20.79 -5.16
CA ILE A 9 -25.55 -20.78 -4.81
C ILE A 9 -24.93 -22.13 -5.12
N LEU A 10 -23.78 -22.11 -5.79
CA LEU A 10 -23.07 -23.33 -6.17
C LEU A 10 -23.98 -24.26 -6.95
N GLY A 11 -24.66 -23.68 -7.95
CA GLY A 11 -25.57 -24.37 -8.84
C GLY A 11 -26.83 -24.92 -8.12
N ARG A 12 -27.51 -24.07 -7.36
CA ARG A 12 -28.62 -24.58 -6.60
C ARG A 12 -29.36 -23.58 -5.71
N GLU A 13 -30.67 -23.65 -5.73
CA GLU A 13 -31.56 -22.72 -5.01
C GLU A 13 -31.70 -23.07 -3.54
N SER A 14 -30.59 -23.04 -2.81
CA SER A 14 -30.61 -23.37 -1.39
C SER A 14 -31.01 -22.22 -0.49
N ILE A 15 -30.85 -20.99 -0.98
CA ILE A 15 -31.20 -19.82 -0.18
C ILE A 15 -32.65 -19.38 -0.39
N ILE A 16 -33.36 -19.15 0.71
CA ILE A 16 -34.75 -18.73 0.68
C ILE A 16 -34.95 -17.71 1.80
N ALA A 17 -35.35 -16.49 1.42
CA ALA A 17 -35.55 -15.40 2.38
C ALA A 17 -36.97 -14.82 2.32
N ASP A 18 -37.50 -14.45 3.48
CA ASP A 18 -38.83 -13.87 3.57
C ASP A 18 -39.17 -13.75 5.04
N PHE A 19 -40.33 -13.16 5.33
CA PHE A 19 -40.79 -12.99 6.70
C PHE A 19 -41.58 -14.19 7.22
N GLY A 20 -41.28 -14.58 8.45
CA GLY A 20 -41.97 -15.70 9.07
C GLY A 20 -41.76 -17.06 8.43
N LEU A 21 -40.55 -17.35 7.97
CA LEU A 21 -40.28 -18.65 7.38
C LEU A 21 -40.24 -19.70 8.48
N TRP A 22 -39.63 -19.31 9.60
CA TRP A 22 -39.49 -20.18 10.76
C TRP A 22 -40.86 -20.71 11.16
N ARG A 23 -41.83 -19.81 11.21
CA ARG A 23 -43.17 -20.20 11.59
C ARG A 23 -43.85 -21.16 10.64
N ASN A 24 -44.10 -20.70 9.42
CA ASN A 24 -44.79 -21.53 8.45
C ASN A 24 -44.07 -21.76 7.13
N TYR A 25 -43.08 -22.67 7.15
CA TYR A 25 -42.33 -23.02 5.96
C TYR A 25 -41.22 -24.02 6.25
N VAL A 26 -40.28 -23.63 7.11
CA VAL A 26 -39.15 -24.49 7.46
C VAL A 26 -39.53 -25.94 7.71
N ALA A 27 -40.31 -26.19 8.74
CA ALA A 27 -40.72 -27.55 9.08
C ALA A 27 -41.31 -28.27 7.87
N LYS A 28 -42.13 -27.55 7.12
CA LYS A 28 -42.76 -28.09 5.92
C LYS A 28 -41.68 -28.45 4.89
N ASP A 29 -40.82 -27.48 4.59
CA ASP A 29 -39.73 -27.68 3.62
C ASP A 29 -38.77 -28.76 4.06
N LEU A 30 -38.42 -28.78 5.35
CA LEU A 30 -37.51 -29.79 5.84
C LEU A 30 -38.01 -31.18 5.53
N ILE A 31 -39.24 -31.47 5.92
CA ILE A 31 -39.82 -32.80 5.68
C ILE A 31 -39.93 -33.23 4.22
N SER A 32 -40.12 -32.28 3.31
CA SER A 32 -40.24 -32.63 1.89
C SER A 32 -38.88 -32.68 1.19
N ASP A 33 -38.19 -31.55 1.15
CA ASP A 33 -36.89 -31.49 0.51
C ASP A 33 -35.79 -32.21 1.28
N CYS A 34 -35.82 -32.09 2.61
CA CYS A 34 -34.85 -32.76 3.46
C CYS A 34 -35.44 -33.96 4.19
N SER A 35 -36.01 -34.89 3.42
CA SER A 35 -36.60 -36.10 3.99
C SER A 35 -35.55 -36.79 4.86
N SER A 36 -35.95 -37.13 6.08
CA SER A 36 -35.06 -37.79 7.03
C SER A 36 -35.90 -38.38 8.16
N THR A 37 -35.29 -39.20 9.00
CA THR A 37 -35.99 -39.81 10.11
C THR A 37 -35.55 -39.17 11.41
N THR A 38 -34.43 -38.47 11.36
CA THR A 38 -33.89 -37.81 12.54
C THR A 38 -33.43 -36.40 12.24
N TYR A 39 -34.03 -35.43 12.92
CA TYR A 39 -33.67 -34.03 12.76
C TYR A 39 -33.14 -33.54 14.09
N VAL A 40 -32.02 -32.85 14.06
CA VAL A 40 -31.44 -32.34 15.28
C VAL A 40 -31.36 -30.83 15.23
N LEU A 41 -32.04 -30.18 16.16
CA LEU A 41 -32.03 -28.73 16.24
C LEU A 41 -31.03 -28.25 17.29
N VAL A 42 -30.05 -27.48 16.83
CA VAL A 42 -29.02 -26.94 17.71
C VAL A 42 -29.25 -25.43 17.85
N THR A 43 -29.21 -24.94 19.09
CA THR A 43 -29.40 -23.52 19.36
C THR A 43 -28.93 -23.27 20.79
N ASP A 44 -29.08 -22.03 21.26
CA ASP A 44 -28.68 -21.74 22.63
C ASP A 44 -29.90 -21.41 23.46
N THR A 45 -29.68 -21.20 24.75
CA THR A 45 -30.73 -20.90 25.71
C THR A 45 -31.57 -19.66 25.40
N ASN A 46 -30.92 -18.56 25.01
CA ASN A 46 -31.66 -17.31 24.68
C ASN A 46 -32.65 -17.55 23.56
N ILE A 47 -32.11 -17.75 22.36
CA ILE A 47 -32.90 -17.99 21.17
C ILE A 47 -33.93 -19.09 21.34
N GLY A 48 -33.46 -20.24 21.82
CA GLY A 48 -34.31 -21.41 22.01
C GLY A 48 -35.64 -21.23 22.71
N SER A 49 -35.63 -20.76 23.96
CA SER A 49 -36.87 -20.59 24.73
C SER A 49 -37.91 -19.69 24.06
N ILE A 50 -37.51 -19.05 22.95
CA ILE A 50 -38.38 -18.15 22.22
C ILE A 50 -38.94 -18.72 20.92
N TYR A 51 -38.10 -19.45 20.19
CA TYR A 51 -38.51 -19.94 18.87
C TYR A 51 -38.69 -21.44 18.71
N THR A 52 -38.07 -22.27 19.55
CA THR A 52 -38.20 -23.75 19.38
C THR A 52 -39.60 -24.27 19.70
N PRO A 53 -40.29 -23.70 20.71
CA PRO A 53 -41.62 -24.17 21.08
C PRO A 53 -42.62 -24.22 19.93
N SER A 54 -42.75 -23.10 19.21
CA SER A 54 -43.67 -23.04 18.10
C SER A 54 -43.21 -23.92 16.95
N PHE A 55 -41.89 -24.11 16.85
CA PHE A 55 -41.34 -24.93 15.79
C PHE A 55 -41.62 -26.41 16.04
N GLU A 56 -41.47 -26.83 17.29
CA GLU A 56 -41.73 -28.23 17.64
C GLU A 56 -43.11 -28.61 17.14
N GLU A 57 -44.04 -27.67 17.30
CA GLU A 57 -45.42 -27.83 16.89
C GLU A 57 -45.57 -27.95 15.37
N ALA A 58 -44.97 -27.01 14.65
CA ALA A 58 -45.05 -27.01 13.19
C ALA A 58 -44.41 -28.27 12.67
N PHE A 59 -43.48 -28.81 13.45
CA PHE A 59 -42.80 -30.03 13.05
C PHE A 59 -43.67 -31.26 13.23
N ARG A 60 -44.29 -31.31 14.39
CA ARG A 60 -45.14 -32.38 14.76
C ARG A 60 -46.31 -32.45 13.77
N LYS A 61 -46.80 -31.28 13.39
CA LYS A 61 -47.90 -31.09 12.45
C LYS A 61 -47.53 -31.71 11.11
N ARG A 62 -46.29 -31.53 10.70
CA ARG A 62 -45.85 -32.03 9.41
C ARG A 62 -45.40 -33.50 9.45
N ALA A 63 -44.78 -33.91 10.54
CA ALA A 63 -44.33 -35.29 10.66
C ALA A 63 -45.49 -36.26 10.94
N ALA A 64 -46.70 -35.71 11.08
CA ALA A 64 -47.90 -36.54 11.32
C ALA A 64 -48.24 -37.12 9.97
N GLU A 65 -47.76 -36.44 8.92
CA GLU A 65 -47.99 -36.88 7.57
C GLU A 65 -47.26 -38.21 7.42
N ILE A 66 -45.95 -38.16 7.65
CA ILE A 66 -45.07 -39.32 7.54
C ILE A 66 -45.36 -40.46 8.51
N THR A 67 -44.87 -41.63 8.15
CA THR A 67 -45.03 -42.84 8.97
C THR A 67 -44.05 -43.92 8.51
N PRO A 68 -43.17 -44.40 9.41
CA PRO A 68 -43.05 -43.98 10.81
C PRO A 68 -42.69 -42.51 10.90
N SER A 69 -43.24 -41.82 11.90
CA SER A 69 -42.98 -40.39 12.04
C SER A 69 -41.55 -40.09 12.47
N PRO A 70 -40.93 -39.09 11.82
CA PRO A 70 -39.55 -38.71 12.14
C PRO A 70 -39.49 -38.03 13.50
N ARG A 71 -38.28 -37.91 14.05
CA ARG A 71 -38.06 -37.33 15.38
C ARG A 71 -37.18 -36.09 15.34
N LEU A 72 -37.50 -35.10 16.16
CA LEU A 72 -36.73 -33.86 16.24
C LEU A 72 -36.06 -33.84 17.61
N LEU A 73 -34.73 -33.87 17.63
CA LEU A 73 -34.00 -33.84 18.89
C LEU A 73 -33.48 -32.43 19.09
N ILE A 74 -33.58 -31.92 20.30
CA ILE A 74 -33.12 -30.56 20.54
C ILE A 74 -31.96 -30.44 21.51
N TYR A 75 -30.98 -29.64 21.11
CA TYR A 75 -29.77 -29.45 21.90
C TYR A 75 -29.59 -27.97 22.27
N ASN A 76 -29.49 -27.68 23.57
CA ASN A 76 -29.31 -26.30 24.04
C ASN A 76 -28.04 -26.10 24.90
N ARG A 77 -27.25 -25.08 24.56
CA ARG A 77 -26.03 -24.80 25.32
C ARG A 77 -25.63 -23.31 25.47
N PRO A 78 -24.73 -23.02 26.43
CA PRO A 78 -24.20 -21.69 26.76
C PRO A 78 -23.96 -20.69 25.64
N PRO A 79 -24.12 -19.40 25.97
CA PRO A 79 -23.97 -18.20 25.14
C PRO A 79 -22.55 -17.72 24.87
N GLY A 80 -22.39 -17.00 23.76
CA GLY A 80 -21.09 -16.46 23.39
C GLY A 80 -20.23 -17.23 22.40
N GLU A 81 -19.02 -16.72 22.20
CA GLU A 81 -18.02 -17.31 21.31
C GLU A 81 -17.34 -18.47 22.02
N VAL A 82 -17.68 -18.65 23.29
CA VAL A 82 -17.14 -19.72 24.12
C VAL A 82 -17.64 -21.05 23.59
N SER A 83 -18.80 -20.99 22.95
CA SER A 83 -19.41 -22.18 22.39
C SER A 83 -18.67 -22.70 21.16
N LYS A 84 -17.71 -21.92 20.64
CA LYS A 84 -16.97 -22.37 19.46
C LYS A 84 -15.62 -22.95 19.85
N SER A 85 -15.64 -24.19 20.32
CA SER A 85 -14.41 -24.85 20.73
C SER A 85 -14.47 -26.34 20.42
N ARG A 86 -13.33 -27.00 20.52
CA ARG A 86 -13.27 -28.44 20.28
C ARG A 86 -14.15 -29.10 21.33
N GLN A 87 -14.06 -28.61 22.56
CA GLN A 87 -14.84 -29.14 23.67
C GLN A 87 -16.31 -29.19 23.30
N THR A 88 -16.84 -28.03 22.94
CA THR A 88 -18.24 -27.90 22.59
C THR A 88 -18.66 -28.77 21.41
N LYS A 89 -17.86 -28.76 20.35
CA LYS A 89 -18.19 -29.56 19.16
C LYS A 89 -18.27 -31.01 19.54
N ALA A 90 -17.34 -31.43 20.39
CA ALA A 90 -17.32 -32.80 20.84
C ALA A 90 -18.59 -33.16 21.61
N ASP A 91 -19.04 -32.28 22.51
CA ASP A 91 -20.25 -32.53 23.30
C ASP A 91 -21.51 -32.72 22.45
N ILE A 92 -21.66 -31.90 21.42
CA ILE A 92 -22.80 -32.01 20.53
C ILE A 92 -22.72 -33.40 19.88
N GLU A 93 -21.52 -33.78 19.46
CA GLU A 93 -21.32 -35.08 18.83
C GLU A 93 -21.61 -36.22 19.82
N ASP A 94 -20.96 -36.19 20.98
CA ASP A 94 -21.22 -37.25 21.95
C ASP A 94 -22.71 -37.38 22.23
N TRP A 95 -23.38 -36.23 22.28
CA TRP A 95 -24.82 -36.20 22.53
C TRP A 95 -25.60 -36.89 21.42
N MET A 96 -25.30 -36.54 20.18
CA MET A 96 -25.97 -37.13 19.03
C MET A 96 -25.84 -38.65 18.97
N LEU A 97 -24.62 -39.14 19.18
CA LEU A 97 -24.33 -40.57 19.14
C LEU A 97 -25.04 -41.31 20.27
N SER A 98 -25.18 -40.63 21.40
CA SER A 98 -25.80 -41.24 22.57
C SER A 98 -27.31 -41.29 22.56
N GLN A 99 -27.94 -40.94 21.44
CA GLN A 99 -29.40 -40.97 21.36
C GLN A 99 -29.90 -42.40 21.27
N ASN A 100 -31.21 -42.58 21.24
CA ASN A 100 -31.80 -43.91 21.18
C ASN A 100 -32.91 -44.01 20.14
N PRO A 101 -32.59 -44.50 18.94
CA PRO A 101 -31.26 -44.96 18.53
C PRO A 101 -30.34 -43.78 18.30
N PRO A 102 -29.06 -44.04 18.00
CA PRO A 102 -28.12 -42.94 17.75
C PRO A 102 -28.45 -42.24 16.44
N CYS A 103 -27.94 -41.02 16.25
CA CYS A 103 -28.19 -40.28 15.02
C CYS A 103 -27.31 -40.87 13.93
N GLY A 104 -27.93 -41.31 12.84
CA GLY A 104 -27.18 -41.89 11.74
C GLY A 104 -26.75 -40.89 10.68
N ARG A 105 -26.35 -41.40 9.51
CA ARG A 105 -25.92 -40.54 8.42
C ARG A 105 -27.12 -39.89 7.73
N ASP A 106 -28.33 -40.28 8.14
CA ASP A 106 -29.52 -39.71 7.54
C ASP A 106 -29.89 -38.40 8.24
N THR A 107 -29.37 -38.24 9.46
CA THR A 107 -29.62 -37.04 10.26
C THR A 107 -29.63 -35.76 9.44
N VAL A 108 -30.42 -34.79 9.91
CA VAL A 108 -30.51 -33.46 9.30
C VAL A 108 -30.39 -32.46 10.43
N VAL A 109 -29.20 -31.90 10.60
CA VAL A 109 -28.95 -30.92 11.66
C VAL A 109 -29.51 -29.55 11.28
N ILE A 110 -30.15 -28.89 12.24
CA ILE A 110 -30.73 -27.57 12.01
C ILE A 110 -30.01 -26.54 12.89
N ALA A 111 -29.29 -25.60 12.28
CA ALA A 111 -28.57 -24.57 13.02
C ALA A 111 -29.46 -23.35 13.19
N LEU A 112 -29.81 -23.04 14.43
CA LEU A 112 -30.67 -21.90 14.72
C LEU A 112 -29.96 -20.91 15.64
N GLY A 113 -29.20 -20.01 15.03
CA GLY A 113 -28.48 -19.02 15.81
C GLY A 113 -27.65 -18.13 14.91
N GLY A 114 -26.70 -17.43 15.51
CA GLY A 114 -25.87 -16.55 14.71
C GLY A 114 -24.71 -17.34 14.14
N GLY A 115 -23.58 -16.68 13.93
CA GLY A 115 -22.42 -17.35 13.37
C GLY A 115 -21.83 -18.41 14.27
N VAL A 116 -21.95 -18.25 15.59
CA VAL A 116 -21.41 -19.25 16.50
C VAL A 116 -22.15 -20.57 16.36
N ILE A 117 -23.48 -20.52 16.45
CA ILE A 117 -24.30 -21.72 16.30
C ILE A 117 -24.25 -22.23 14.86
N GLY A 118 -23.98 -21.31 13.93
CA GLY A 118 -23.90 -21.69 12.53
C GLY A 118 -22.61 -22.41 12.19
N ASP A 119 -21.48 -21.83 12.59
CA ASP A 119 -20.18 -22.42 12.33
C ASP A 119 -20.03 -23.76 13.05
N LEU A 120 -20.35 -23.75 14.33
CA LEU A 120 -20.26 -24.92 15.17
C LEU A 120 -21.07 -26.06 14.55
N THR A 121 -22.35 -25.80 14.34
CA THR A 121 -23.26 -26.77 13.76
C THR A 121 -22.83 -27.25 12.38
N GLY A 122 -22.42 -26.31 11.52
CA GLY A 122 -21.99 -26.68 10.19
C GLY A 122 -20.79 -27.62 10.22
N PHE A 123 -19.89 -27.36 11.14
CA PHE A 123 -18.69 -28.18 11.30
C PHE A 123 -19.07 -29.56 11.87
N VAL A 124 -19.87 -29.57 12.93
CA VAL A 124 -20.30 -30.83 13.55
C VAL A 124 -20.89 -31.77 12.51
N ALA A 125 -21.59 -31.19 11.55
CA ALA A 125 -22.21 -31.96 10.48
C ALA A 125 -21.20 -32.43 9.44
N SER A 126 -20.19 -31.61 9.16
CA SER A 126 -19.20 -31.97 8.16
C SER A 126 -18.36 -33.18 8.54
N THR A 127 -18.22 -33.44 9.84
CA THR A 127 -17.42 -34.57 10.30
C THR A 127 -18.22 -35.69 10.96
N TYR A 128 -19.50 -35.43 11.26
CA TYR A 128 -20.34 -36.43 11.89
C TYR A 128 -20.46 -37.65 11.00
N MET A 129 -19.85 -38.75 11.42
CA MET A 129 -19.90 -39.96 10.62
C MET A 129 -19.47 -39.61 9.21
N ARG A 130 -18.50 -38.71 9.14
CA ARG A 130 -17.92 -38.22 7.89
C ARG A 130 -18.83 -37.31 7.06
N GLY A 131 -20.02 -36.99 7.58
CA GLY A 131 -20.87 -36.09 6.84
C GLY A 131 -22.37 -36.31 6.83
N VAL A 132 -23.11 -35.29 7.28
CA VAL A 132 -24.58 -35.32 7.31
C VAL A 132 -25.06 -33.94 6.87
N ARG A 133 -26.28 -33.86 6.35
CA ARG A 133 -26.83 -32.59 5.90
C ARG A 133 -27.21 -31.68 7.06
N TYR A 134 -27.39 -30.41 6.77
CA TYR A 134 -27.81 -29.45 7.77
C TYR A 134 -28.35 -28.26 7.04
N VAL A 135 -29.16 -27.49 7.74
CA VAL A 135 -29.74 -26.29 7.18
C VAL A 135 -29.40 -25.17 8.12
N GLN A 136 -29.21 -23.99 7.55
CA GLN A 136 -28.87 -22.81 8.32
C GLN A 136 -30.12 -21.96 8.56
N VAL A 137 -30.31 -21.55 9.80
CA VAL A 137 -31.44 -20.69 10.13
C VAL A 137 -30.88 -19.48 10.85
N PRO A 138 -30.31 -18.53 10.09
CA PRO A 138 -29.73 -17.33 10.69
C PRO A 138 -30.71 -16.52 11.50
N THR A 139 -30.32 -16.22 12.74
CA THR A 139 -31.13 -15.42 13.65
C THR A 139 -30.50 -14.05 13.91
N THR A 140 -29.36 -13.76 13.28
CA THR A 140 -28.70 -12.47 13.46
C THR A 140 -28.42 -11.84 12.10
N LEU A 141 -28.42 -10.51 12.02
CA LEU A 141 -28.17 -9.87 10.74
C LEU A 141 -26.86 -10.33 10.15
N LEU A 142 -25.83 -10.39 10.96
CA LEU A 142 -24.53 -10.81 10.46
C LEU A 142 -24.59 -12.22 9.85
N ALA A 143 -25.49 -13.05 10.35
CA ALA A 143 -25.61 -14.40 9.84
C ALA A 143 -26.41 -14.47 8.56
N MET A 144 -27.39 -13.60 8.42
CA MET A 144 -28.21 -13.57 7.22
C MET A 144 -27.44 -13.01 6.05
N VAL A 145 -26.57 -12.07 6.32
CA VAL A 145 -25.81 -11.43 5.26
C VAL A 145 -24.49 -12.07 4.99
N ASP A 146 -24.02 -12.90 5.87
CA ASP A 146 -22.72 -13.38 5.57
C ASP A 146 -22.42 -14.74 6.15
N SER A 147 -22.51 -14.87 7.45
CA SER A 147 -22.10 -16.09 8.15
C SER A 147 -22.83 -17.40 7.79
N SER A 148 -24.15 -17.37 7.42
CA SER A 148 -24.90 -18.59 7.10
C SER A 148 -24.75 -19.00 5.62
N ILE A 149 -24.12 -18.14 4.83
CA ILE A 149 -23.91 -18.39 3.42
C ILE A 149 -22.45 -18.63 3.10
N GLY A 150 -22.19 -19.53 2.16
CA GLY A 150 -20.82 -19.84 1.78
C GLY A 150 -20.40 -21.27 2.06
N GLY A 151 -20.88 -21.82 3.17
CA GLY A 151 -20.53 -23.18 3.51
C GLY A 151 -19.34 -23.23 4.44
N LYS A 152 -18.72 -22.08 4.70
CA LYS A 152 -17.56 -22.03 5.59
C LYS A 152 -17.95 -22.24 7.06
N THR A 153 -17.31 -23.21 7.71
CA THR A 153 -17.58 -23.49 9.11
C THR A 153 -16.26 -23.71 9.81
N ALA A 154 -16.27 -23.64 11.14
CA ALA A 154 -15.06 -23.81 11.92
C ALA A 154 -15.34 -23.67 13.41
N ILE A 155 -14.27 -23.72 14.18
CA ILE A 155 -14.25 -23.55 15.63
C ILE A 155 -12.98 -22.82 15.92
N ASP A 156 -12.82 -22.29 17.13
CA ASP A 156 -11.60 -21.55 17.46
C ASP A 156 -10.70 -22.32 18.43
N THR A 157 -9.39 -22.07 18.33
CA THR A 157 -8.41 -22.68 19.23
C THR A 157 -7.72 -21.51 19.91
N PRO A 158 -7.08 -21.75 21.07
CA PRO A 158 -6.39 -20.69 21.82
C PRO A 158 -5.43 -19.80 21.01
N LEU A 159 -5.14 -20.19 19.77
CA LEU A 159 -4.21 -19.43 18.94
C LEU A 159 -4.81 -18.55 17.85
N GLY A 160 -6.13 -18.45 17.76
CA GLY A 160 -6.70 -17.61 16.73
C GLY A 160 -8.10 -17.94 16.27
N LYS A 161 -8.62 -17.14 15.35
CA LYS A 161 -9.97 -17.35 14.84
C LYS A 161 -10.07 -18.38 13.74
N ASN A 162 -11.12 -19.18 13.79
CA ASN A 162 -11.41 -20.23 12.82
C ASN A 162 -10.18 -20.90 12.22
N LEU A 163 -9.38 -21.54 13.06
CA LEU A 163 -8.19 -22.21 12.58
C LEU A 163 -8.48 -23.65 12.12
N ILE A 164 -9.46 -24.28 12.76
CA ILE A 164 -9.85 -25.63 12.42
C ILE A 164 -11.31 -25.64 11.98
N GLY A 165 -11.60 -26.32 10.87
CA GLY A 165 -12.96 -26.38 10.41
C GLY A 165 -13.03 -27.04 9.06
N ALA A 166 -14.12 -26.83 8.35
CA ALA A 166 -14.28 -27.41 7.03
C ALA A 166 -15.28 -26.60 6.23
N ILE A 167 -15.31 -26.84 4.92
CA ILE A 167 -16.23 -26.16 4.03
C ILE A 167 -17.30 -27.17 3.67
N TRP A 168 -18.43 -27.09 4.38
CA TRP A 168 -19.56 -28.01 4.19
C TRP A 168 -20.79 -27.17 3.84
N GLN A 169 -21.24 -27.28 2.59
CA GLN A 169 -22.40 -26.50 2.17
C GLN A 169 -23.71 -26.98 2.80
N PRO A 170 -24.52 -26.03 3.31
CA PRO A 170 -25.80 -26.36 3.93
C PRO A 170 -26.79 -26.67 2.81
N THR A 171 -27.74 -27.54 3.07
CA THR A 171 -28.71 -27.92 2.05
C THR A 171 -29.77 -26.84 1.85
N LYS A 172 -30.06 -26.11 2.92
CA LYS A 172 -31.04 -25.03 2.90
C LYS A 172 -30.56 -23.92 3.83
N ILE A 173 -30.93 -22.68 3.49
CA ILE A 173 -30.58 -21.51 4.27
C ILE A 173 -31.87 -20.71 4.37
N TYR A 174 -32.37 -20.52 5.59
CA TYR A 174 -33.62 -19.78 5.77
C TYR A 174 -33.47 -18.38 6.39
N ILE A 175 -33.44 -17.37 5.51
CA ILE A 175 -33.32 -15.98 5.96
C ILE A 175 -34.70 -15.48 6.35
N ASP A 176 -35.08 -15.66 7.62
CA ASP A 176 -36.36 -15.18 8.10
C ASP A 176 -36.13 -13.82 8.74
N LEU A 177 -36.36 -12.77 7.96
CA LEU A 177 -36.19 -11.40 8.42
C LEU A 177 -36.85 -11.17 9.77
N GLU A 178 -37.98 -11.82 9.98
CA GLU A 178 -38.73 -11.69 11.21
C GLU A 178 -37.89 -11.89 12.48
N PHE A 179 -36.74 -12.56 12.34
CA PHE A 179 -35.87 -12.78 13.51
C PHE A 179 -35.25 -11.47 13.95
N LEU A 180 -35.16 -10.53 13.04
CA LEU A 180 -34.55 -9.24 13.33
C LEU A 180 -35.40 -8.41 14.28
N GLU A 181 -36.68 -8.75 14.37
CA GLU A 181 -37.60 -8.03 15.26
C GLU A 181 -37.12 -8.00 16.69
N THR A 182 -36.37 -9.01 17.10
CA THR A 182 -35.87 -9.08 18.47
C THR A 182 -34.37 -8.94 18.61
N LEU A 183 -33.68 -8.76 17.48
CA LEU A 183 -32.24 -8.61 17.49
C LEU A 183 -31.81 -7.37 18.28
N PRO A 184 -30.96 -7.56 19.30
CA PRO A 184 -30.50 -6.41 20.10
C PRO A 184 -29.85 -5.37 19.21
N VAL A 185 -29.89 -4.11 19.64
CA VAL A 185 -29.31 -3.02 18.85
C VAL A 185 -27.86 -3.28 18.43
N ARG A 186 -27.00 -3.62 19.39
CA ARG A 186 -25.59 -3.86 19.10
C ARG A 186 -25.40 -4.92 18.03
N GLU A 187 -26.06 -6.08 18.21
CA GLU A 187 -25.96 -7.16 17.25
C GLU A 187 -26.28 -6.65 15.85
N PHE A 188 -27.28 -5.77 15.76
CA PHE A 188 -27.67 -5.23 14.47
C PHE A 188 -26.55 -4.38 13.88
N ILE A 189 -26.00 -3.46 14.65
CA ILE A 189 -24.90 -2.63 14.17
C ILE A 189 -23.73 -3.56 13.86
N ASN A 190 -23.50 -4.52 14.75
CA ASN A 190 -22.43 -5.51 14.61
C ASN A 190 -22.50 -6.19 13.24
N GLY A 191 -23.70 -6.67 12.88
CA GLY A 191 -23.89 -7.32 11.61
C GLY A 191 -23.71 -6.36 10.45
N MET A 192 -24.14 -5.12 10.66
CA MET A 192 -24.03 -4.08 9.64
C MET A 192 -22.65 -3.92 8.99
N ALA A 193 -21.61 -4.36 9.68
CA ALA A 193 -20.24 -4.25 9.16
C ALA A 193 -20.04 -5.12 7.93
N GLU A 194 -20.61 -6.32 7.95
CA GLU A 194 -20.50 -7.27 6.84
C GLU A 194 -21.24 -6.75 5.62
N VAL A 195 -22.36 -6.09 5.85
CA VAL A 195 -23.14 -5.53 4.77
C VAL A 195 -22.36 -4.44 4.06
N ILE A 196 -21.72 -3.57 4.84
CA ILE A 196 -20.93 -2.48 4.29
C ILE A 196 -19.70 -3.06 3.59
N LYS A 197 -19.11 -4.10 4.18
CA LYS A 197 -17.93 -4.74 3.59
C LYS A 197 -18.26 -5.24 2.19
N THR A 198 -19.29 -6.09 2.10
CA THR A 198 -19.72 -6.67 0.84
C THR A 198 -19.96 -5.62 -0.22
N ALA A 199 -20.51 -4.48 0.18
CA ALA A 199 -20.76 -3.41 -0.79
C ALA A 199 -19.45 -2.76 -1.19
N ALA A 200 -18.56 -2.54 -0.23
CA ALA A 200 -17.29 -1.91 -0.52
C ALA A 200 -16.38 -2.68 -1.49
N ILE A 201 -16.65 -3.98 -1.68
CA ILE A 201 -15.85 -4.80 -2.59
C ILE A 201 -16.66 -5.20 -3.81
N SER A 202 -17.87 -4.68 -3.92
CA SER A 202 -18.71 -5.02 -5.05
C SER A 202 -19.29 -3.82 -5.79
N SER A 203 -20.23 -3.12 -5.16
CA SER A 203 -20.88 -1.98 -5.79
C SER A 203 -20.73 -0.63 -5.11
N GLU A 204 -20.32 0.37 -5.89
CA GLU A 204 -20.18 1.72 -5.36
C GLU A 204 -21.58 2.25 -5.09
N GLU A 205 -22.54 1.87 -5.96
CA GLU A 205 -23.95 2.27 -5.84
C GLU A 205 -24.50 1.77 -4.52
N GLU A 206 -24.33 0.47 -4.32
CA GLU A 206 -24.79 -0.20 -3.13
C GLU A 206 -24.15 0.40 -1.89
N PHE A 207 -22.91 0.86 -2.03
CA PHE A 207 -22.19 1.47 -0.91
C PHE A 207 -22.88 2.78 -0.58
N THR A 208 -23.13 3.58 -1.61
CA THR A 208 -23.79 4.86 -1.43
C THR A 208 -25.17 4.63 -0.81
N ALA A 209 -25.90 3.66 -1.34
CA ALA A 209 -27.22 3.34 -0.82
C ALA A 209 -27.14 3.04 0.67
N LEU A 210 -26.04 2.44 1.10
CA LEU A 210 -25.85 2.13 2.51
C LEU A 210 -25.56 3.40 3.27
N GLU A 211 -24.88 4.34 2.62
CA GLU A 211 -24.56 5.61 3.27
C GLU A 211 -25.85 6.36 3.54
N GLU A 212 -26.68 6.47 2.51
CA GLU A 212 -27.96 7.19 2.61
C GLU A 212 -28.94 6.58 3.62
N ASN A 213 -28.95 5.25 3.73
CA ASN A 213 -29.87 4.59 4.62
C ASN A 213 -29.41 4.61 6.06
N ALA A 214 -28.13 4.91 6.27
CA ALA A 214 -27.54 4.95 7.61
C ALA A 214 -28.51 5.47 8.68
N GLU A 215 -28.86 6.74 8.61
CA GLU A 215 -29.78 7.34 9.58
C GLU A 215 -31.11 6.63 9.74
N THR A 216 -31.88 6.54 8.65
CA THR A 216 -33.20 5.90 8.69
C THR A 216 -33.17 4.58 9.43
N ILE A 217 -32.27 3.70 9.01
CA ILE A 217 -32.11 2.36 9.58
C ILE A 217 -31.69 2.40 11.04
N LEU A 218 -30.57 3.07 11.29
CA LEU A 218 -30.03 3.16 12.64
C LEU A 218 -31.03 3.71 13.64
N LYS A 219 -31.95 4.54 13.17
CA LYS A 219 -32.94 5.13 14.06
C LYS A 219 -34.10 4.16 14.30
N ALA A 220 -34.40 3.33 13.30
CA ALA A 220 -35.49 2.37 13.41
C ALA A 220 -35.03 1.23 14.32
N VAL A 221 -33.72 1.09 14.43
CA VAL A 221 -33.11 0.07 15.26
C VAL A 221 -33.06 0.51 16.72
N ARG A 222 -32.95 1.81 16.93
CA ARG A 222 -32.90 2.33 18.30
C ARG A 222 -34.30 2.68 18.78
N ARG A 223 -35.12 3.18 17.87
CA ARG A 223 -36.50 3.53 18.19
C ARG A 223 -37.16 2.38 18.94
N GLU A 224 -37.82 2.69 20.04
CA GLU A 224 -38.50 1.66 20.83
C GLU A 224 -39.73 1.14 20.10
N VAL A 225 -39.98 -0.16 20.15
CA VAL A 225 -41.15 -0.69 19.44
C VAL A 225 -42.32 -1.07 20.37
N THR A 226 -43.53 -0.70 19.91
CA THR A 226 -44.78 -0.95 20.63
C THR A 226 -45.29 -2.39 20.40
N PRO A 227 -46.16 -2.88 21.29
CA PRO A 227 -46.80 -4.19 21.23
C PRO A 227 -47.29 -4.73 19.87
N GLY A 228 -47.90 -3.88 19.06
CA GLY A 228 -48.43 -4.39 17.79
C GLY A 228 -47.76 -3.93 16.47
N GLU A 229 -46.59 -3.30 16.51
CA GLU A 229 -45.98 -2.86 15.27
C GLU A 229 -44.65 -3.56 15.03
N HIS A 230 -44.05 -3.26 13.88
CA HIS A 230 -42.78 -3.86 13.48
C HIS A 230 -41.64 -2.87 13.59
N ARG A 231 -40.53 -3.29 14.19
CA ARG A 231 -39.35 -2.44 14.36
C ARG A 231 -38.93 -1.75 13.06
N PHE A 232 -39.35 -2.39 11.96
CA PHE A 232 -39.01 -1.92 10.63
C PHE A 232 -40.24 -1.54 9.82
N GLU A 233 -41.20 -0.96 10.47
CA GLU A 233 -42.25 -0.43 9.68
C GLU A 233 -41.58 0.64 8.81
N GLY A 234 -42.32 1.20 7.87
CA GLY A 234 -41.75 2.23 7.03
C GLY A 234 -40.56 1.75 6.20
N THR A 235 -39.46 1.36 6.84
CA THR A 235 -38.26 0.93 6.13
C THR A 235 -38.15 -0.60 5.99
N GLU A 236 -39.23 -1.25 5.57
CA GLU A 236 -39.21 -2.70 5.40
C GLU A 236 -38.45 -3.12 4.15
N GLU A 237 -38.81 -2.59 2.98
CA GLU A 237 -38.15 -2.97 1.73
C GLU A 237 -36.69 -2.53 1.71
N ILE A 238 -36.45 -1.29 2.11
CA ILE A 238 -35.10 -0.75 2.14
C ILE A 238 -34.22 -1.77 2.84
N LEU A 239 -34.74 -2.31 3.94
CA LEU A 239 -34.00 -3.29 4.69
C LEU A 239 -33.81 -4.57 3.87
N LYS A 240 -34.85 -5.03 3.21
CA LYS A 240 -34.74 -6.25 2.42
C LYS A 240 -33.77 -6.11 1.27
N ALA A 241 -33.62 -4.89 0.76
CA ALA A 241 -32.71 -4.60 -0.35
C ALA A 241 -31.25 -4.63 0.10
N ARG A 242 -31.00 -4.04 1.26
CA ARG A 242 -29.66 -4.02 1.83
C ARG A 242 -29.21 -5.44 2.16
N ILE A 243 -30.12 -6.24 2.71
CA ILE A 243 -29.75 -7.60 3.07
C ILE A 243 -29.52 -8.45 1.82
N LEU A 244 -30.50 -8.49 0.94
CA LEU A 244 -30.39 -9.27 -0.29
C LEU A 244 -29.14 -8.96 -1.07
N ALA A 245 -28.84 -7.67 -1.17
CA ALA A 245 -27.67 -7.20 -1.90
C ALA A 245 -26.41 -7.94 -1.45
N SER A 246 -26.19 -8.00 -0.14
CA SER A 246 -25.02 -8.68 0.44
C SER A 246 -25.07 -10.19 0.29
N ALA A 247 -26.25 -10.76 0.51
CA ALA A 247 -26.42 -12.19 0.37
C ALA A 247 -26.12 -12.59 -1.06
N ARG A 248 -26.78 -11.93 -2.02
CA ARG A 248 -26.59 -12.24 -3.42
C ARG A 248 -25.14 -12.16 -3.89
N HIS A 249 -24.44 -11.10 -3.51
CA HIS A 249 -23.05 -10.97 -3.94
C HIS A 249 -22.15 -12.06 -3.34
N LYS A 250 -22.41 -12.46 -2.10
CA LYS A 250 -21.59 -13.51 -1.53
C LYS A 250 -21.83 -14.80 -2.32
N ALA A 251 -23.08 -15.02 -2.71
CA ALA A 251 -23.44 -16.19 -3.49
C ALA A 251 -22.65 -16.16 -4.80
N TYR A 252 -22.57 -14.97 -5.39
CA TYR A 252 -21.82 -14.83 -6.62
C TYR A 252 -20.35 -15.17 -6.37
N VAL A 253 -19.77 -14.58 -5.33
CA VAL A 253 -18.36 -14.82 -5.02
C VAL A 253 -18.07 -16.23 -4.60
N VAL A 254 -18.93 -16.80 -3.75
CA VAL A 254 -18.74 -18.16 -3.29
C VAL A 254 -18.91 -19.17 -4.43
N SER A 255 -19.91 -18.96 -5.27
CA SER A 255 -20.19 -19.87 -6.38
C SER A 255 -19.01 -20.00 -7.34
N ALA A 256 -18.28 -18.91 -7.54
CA ALA A 256 -17.17 -18.91 -8.47
C ALA A 256 -15.86 -19.41 -7.88
N ASP A 257 -15.75 -19.46 -6.55
CA ASP A 257 -14.53 -19.93 -5.93
C ASP A 257 -14.79 -20.48 -4.54
N GLU A 258 -15.67 -21.48 -4.47
CA GLU A 258 -16.05 -22.10 -3.20
C GLU A 258 -14.92 -22.37 -2.21
N ARG A 259 -13.86 -23.02 -2.68
CA ARG A 259 -12.75 -23.32 -1.78
C ARG A 259 -11.62 -22.31 -1.71
N GLU A 260 -11.99 -21.03 -1.80
CA GLU A 260 -11.04 -19.92 -1.72
C GLU A 260 -9.71 -20.17 -2.42
N GLY A 261 -9.77 -20.24 -3.74
CA GLY A 261 -8.57 -20.46 -4.52
C GLY A 261 -8.15 -19.11 -5.05
N GLY A 262 -9.11 -18.21 -5.11
CA GLY A 262 -8.83 -16.87 -5.61
C GLY A 262 -9.87 -15.83 -5.22
N LEU A 263 -10.94 -15.76 -6.00
CA LEU A 263 -12.01 -14.78 -5.77
C LEU A 263 -12.55 -14.69 -4.35
N ARG A 264 -12.74 -15.83 -3.68
CA ARG A 264 -13.29 -15.80 -2.32
C ARG A 264 -12.44 -15.05 -1.27
N ASN A 265 -11.22 -14.68 -1.62
CA ASN A 265 -10.37 -13.93 -0.71
C ASN A 265 -11.06 -12.60 -0.44
N LEU A 266 -11.62 -12.01 -1.50
CA LEU A 266 -12.28 -10.72 -1.41
C LEU A 266 -13.27 -10.60 -0.26
N LEU A 267 -13.99 -11.67 0.04
CA LEU A 267 -14.96 -11.66 1.12
C LEU A 267 -14.25 -11.52 2.46
N ASN A 268 -12.92 -11.51 2.43
CA ASN A 268 -12.11 -11.38 3.65
C ASN A 268 -11.49 -9.98 3.77
N TRP A 269 -12.14 -8.98 3.19
CA TRP A 269 -11.63 -7.61 3.26
C TRP A 269 -11.87 -7.16 4.69
N GLY A 270 -10.84 -6.59 5.32
CA GLY A 270 -10.98 -6.12 6.69
C GLY A 270 -10.80 -7.21 7.73
N HIS A 271 -10.73 -8.46 7.27
CA HIS A 271 -10.56 -9.59 8.19
C HIS A 271 -9.13 -9.98 8.51
N SER A 272 -8.18 -9.55 7.67
CA SER A 272 -6.76 -9.85 7.89
C SER A 272 -6.32 -9.18 9.19
N ILE A 273 -6.55 -7.87 9.26
CA ILE A 273 -6.21 -7.10 10.47
C ILE A 273 -7.36 -7.35 11.47
N GLY A 274 -8.58 -7.46 10.94
CA GLY A 274 -9.75 -7.71 11.78
C GLY A 274 -9.65 -8.93 12.68
N HIS A 275 -9.31 -10.08 12.11
CA HIS A 275 -9.18 -11.31 12.87
C HIS A 275 -8.03 -11.22 13.86
N ALA A 276 -6.95 -10.54 13.45
CA ALA A 276 -5.76 -10.33 14.28
C ALA A 276 -6.15 -9.55 15.52
N ILE A 277 -7.04 -8.59 15.33
CA ILE A 277 -7.55 -7.79 16.42
C ILE A 277 -8.42 -8.74 17.26
N GLU A 278 -9.49 -9.21 16.64
CA GLU A 278 -10.45 -10.11 17.27
C GLU A 278 -9.84 -11.16 18.17
N ALA A 279 -8.84 -11.86 17.67
CA ALA A 279 -8.20 -12.90 18.46
C ALA A 279 -7.80 -12.36 19.84
N ILE A 280 -7.51 -11.06 19.91
CA ILE A 280 -7.09 -10.45 21.17
C ILE A 280 -8.20 -9.79 21.97
N LEU A 281 -9.19 -9.20 21.29
CA LEU A 281 -10.26 -8.50 21.99
C LEU A 281 -11.52 -9.29 22.27
N THR A 282 -11.66 -10.44 21.60
CA THR A 282 -12.83 -11.28 21.83
C THR A 282 -12.71 -11.89 23.21
N PRO A 283 -13.86 -12.19 23.87
CA PRO A 283 -15.24 -12.02 23.42
C PRO A 283 -15.85 -10.66 23.77
N GLN A 284 -15.05 -9.77 24.34
CA GLN A 284 -15.54 -8.45 24.71
C GLN A 284 -15.94 -7.63 23.47
N ILE A 285 -15.20 -7.82 22.39
CA ILE A 285 -15.50 -7.12 21.15
C ILE A 285 -16.03 -8.10 20.11
N LEU A 286 -17.24 -7.83 19.62
CA LEU A 286 -17.87 -8.67 18.63
C LEU A 286 -17.05 -8.72 17.36
N HIS A 287 -17.43 -9.61 16.46
CA HIS A 287 -16.75 -9.79 15.17
C HIS A 287 -16.94 -8.61 14.22
N GLY A 288 -18.19 -8.14 14.10
CA GLY A 288 -18.47 -7.03 13.21
C GLY A 288 -17.72 -5.81 13.65
N GLU A 289 -17.61 -5.65 14.97
CA GLU A 289 -16.92 -4.52 15.56
C GLU A 289 -15.45 -4.55 15.18
N CYS A 290 -14.84 -5.74 15.26
CA CYS A 290 -13.43 -5.91 14.93
C CYS A 290 -13.19 -5.77 13.43
N VAL A 291 -14.22 -6.06 12.64
CA VAL A 291 -14.14 -5.98 11.19
C VAL A 291 -14.14 -4.53 10.69
N ALA A 292 -14.93 -3.69 11.37
CA ALA A 292 -15.01 -2.27 11.02
C ALA A 292 -13.60 -1.69 11.16
N ILE A 293 -13.02 -1.88 12.35
CA ILE A 293 -11.68 -1.40 12.60
C ILE A 293 -10.71 -2.00 11.60
N GLY A 294 -10.96 -3.25 11.21
CA GLY A 294 -10.08 -3.92 10.26
C GLY A 294 -10.14 -3.31 8.87
N MET A 295 -11.35 -3.00 8.41
CA MET A 295 -11.55 -2.42 7.09
C MET A 295 -10.88 -1.06 7.01
N VAL A 296 -10.97 -0.28 8.09
CA VAL A 296 -10.35 1.03 8.12
C VAL A 296 -8.83 0.92 8.06
N LYS A 297 -8.28 -0.03 8.83
CA LYS A 297 -6.83 -0.22 8.86
C LYS A 297 -6.34 -0.74 7.51
N GLU A 298 -7.17 -1.56 6.86
CA GLU A 298 -6.84 -2.11 5.55
C GLU A 298 -7.00 -1.07 4.46
N ALA A 299 -7.95 -0.16 4.64
CA ALA A 299 -8.15 0.90 3.66
C ALA A 299 -6.92 1.80 3.74
N GLU A 300 -6.53 2.15 4.97
CA GLU A 300 -5.37 3.00 5.21
C GLU A 300 -4.12 2.43 4.55
N LEU A 301 -3.97 1.11 4.63
CA LEU A 301 -2.83 0.41 4.03
C LEU A 301 -2.91 0.47 2.52
N ALA A 302 -4.13 0.33 2.00
CA ALA A 302 -4.34 0.38 0.56
C ALA A 302 -3.87 1.75 0.05
N ARG A 303 -4.26 2.79 0.78
CA ARG A 303 -3.87 4.15 0.44
C ARG A 303 -2.38 4.34 0.65
N HIS A 304 -1.86 3.70 1.69
CA HIS A 304 -0.44 3.76 2.03
C HIS A 304 0.38 3.22 0.87
N LEU A 305 -0.13 2.18 0.23
CA LEU A 305 0.54 1.54 -0.90
C LEU A 305 0.23 2.20 -2.23
N GLY A 306 -0.57 3.26 -2.19
CA GLY A 306 -0.92 3.96 -3.42
C GLY A 306 -2.09 3.37 -4.19
N ILE A 307 -2.64 2.26 -3.71
CA ILE A 307 -3.79 1.66 -4.40
C ILE A 307 -5.04 2.45 -4.15
N LEU A 308 -5.38 2.64 -2.88
CA LEU A 308 -6.60 3.35 -2.55
C LEU A 308 -6.44 4.87 -2.40
N LYS A 309 -7.56 5.59 -2.50
CA LYS A 309 -7.56 7.05 -2.43
C LYS A 309 -7.98 7.58 -1.07
N GLY A 310 -7.22 8.54 -0.57
CA GLY A 310 -7.47 9.17 0.71
C GLY A 310 -8.95 9.43 0.87
N VAL A 311 -9.53 9.98 -0.19
CA VAL A 311 -10.95 10.29 -0.21
C VAL A 311 -11.80 9.05 0.06
N ALA A 312 -11.47 7.95 -0.59
CA ALA A 312 -12.23 6.72 -0.41
C ALA A 312 -12.06 6.19 1.01
N VAL A 313 -10.85 6.27 1.54
CA VAL A 313 -10.54 5.79 2.88
C VAL A 313 -11.39 6.49 3.93
N SER A 314 -11.36 7.82 3.96
CA SER A 314 -12.15 8.57 4.94
C SER A 314 -13.64 8.33 4.70
N ARG A 315 -14.01 8.07 3.46
CA ARG A 315 -15.41 7.82 3.11
C ARG A 315 -15.87 6.50 3.73
N ILE A 316 -14.95 5.54 3.80
CA ILE A 316 -15.24 4.24 4.39
C ILE A 316 -15.54 4.52 5.84
N VAL A 317 -14.63 5.23 6.48
CA VAL A 317 -14.73 5.60 7.87
C VAL A 317 -16.09 6.20 8.22
N LYS A 318 -16.46 7.25 7.50
CA LYS A 318 -17.74 7.92 7.71
C LYS A 318 -18.92 6.97 7.71
N CYS A 319 -18.99 6.13 6.68
CA CYS A 319 -20.10 5.19 6.55
C CYS A 319 -20.18 4.19 7.69
N LEU A 320 -19.02 3.83 8.25
CA LEU A 320 -18.95 2.88 9.35
C LEU A 320 -19.43 3.53 10.63
N ALA A 321 -18.89 4.71 10.89
CA ALA A 321 -19.24 5.47 12.09
C ALA A 321 -20.71 5.87 12.01
N ALA A 322 -21.18 6.06 10.78
CA ALA A 322 -22.57 6.43 10.56
C ALA A 322 -23.46 5.35 11.15
N TYR A 323 -22.96 4.11 11.12
CA TYR A 323 -23.73 2.99 11.60
C TYR A 323 -23.48 2.61 13.05
N GLY A 324 -22.58 3.33 13.71
CA GLY A 324 -22.32 3.03 15.10
C GLY A 324 -21.17 2.05 15.23
N LEU A 325 -20.56 1.70 14.10
CA LEU A 325 -19.43 0.80 14.14
C LEU A 325 -18.22 1.62 14.52
N PRO A 326 -17.28 1.02 15.28
CA PRO A 326 -16.05 1.66 15.73
C PRO A 326 -15.14 1.77 14.53
N THR A 327 -14.32 2.82 14.51
CA THR A 327 -13.43 3.03 13.39
C THR A 327 -11.96 3.16 13.79
N SER A 328 -11.67 2.81 15.04
CA SER A 328 -10.30 2.89 15.55
C SER A 328 -10.13 2.14 16.88
N LEU A 329 -9.02 1.42 17.00
CA LEU A 329 -8.71 0.66 18.20
C LEU A 329 -8.71 1.55 19.44
N LYS A 330 -8.73 2.86 19.21
CA LYS A 330 -8.73 3.85 20.28
C LYS A 330 -10.12 4.18 20.79
N ASP A 331 -11.14 3.86 20.00
CA ASP A 331 -12.54 4.12 20.35
C ASP A 331 -12.77 4.01 21.87
N ALA A 332 -13.57 4.93 22.41
CA ALA A 332 -13.87 4.95 23.85
C ALA A 332 -14.38 3.62 24.41
N ARG A 333 -15.56 3.20 23.97
CA ARG A 333 -16.17 1.95 24.43
C ARG A 333 -15.27 0.74 24.23
N ILE A 334 -14.59 0.69 23.09
CA ILE A 334 -13.68 -0.42 22.82
C ILE A 334 -12.70 -0.47 23.98
N ARG A 335 -12.54 0.67 24.66
CA ARG A 335 -11.66 0.77 25.80
C ARG A 335 -12.35 0.28 27.06
N LYS A 336 -13.49 0.88 27.40
CA LYS A 336 -14.23 0.48 28.60
C LYS A 336 -14.61 -1.00 28.60
N LEU A 337 -14.83 -1.58 27.41
CA LEU A 337 -15.21 -2.98 27.29
C LEU A 337 -13.99 -3.89 27.41
N THR A 338 -12.95 -3.53 26.67
CA THR A 338 -11.69 -4.25 26.70
C THR A 338 -11.06 -3.85 28.04
N ALA A 339 -11.56 -4.42 29.13
CA ALA A 339 -11.04 -4.09 30.43
C ALA A 339 -9.57 -4.51 30.56
N GLY A 340 -8.68 -3.56 30.31
CA GLY A 340 -7.25 -3.82 30.38
C GLY A 340 -6.70 -4.01 28.98
N LYS A 341 -6.85 -5.22 28.43
CA LYS A 341 -6.38 -5.63 27.10
C LYS A 341 -5.94 -4.53 26.15
N HIS A 342 -4.86 -4.80 25.43
CA HIS A 342 -4.32 -3.86 24.45
C HIS A 342 -3.74 -4.67 23.28
N CYS A 343 -3.57 -4.02 22.12
CA CYS A 343 -3.09 -4.71 20.94
C CYS A 343 -1.77 -4.18 20.35
N SER A 344 -0.63 -4.58 20.91
CA SER A 344 0.63 -4.11 20.37
C SER A 344 0.76 -4.55 18.91
N VAL A 345 1.64 -3.89 18.15
CA VAL A 345 1.82 -4.27 16.75
C VAL A 345 2.43 -5.66 16.69
N ASP A 346 3.20 -6.01 17.72
CA ASP A 346 3.83 -7.32 17.78
C ASP A 346 2.79 -8.43 17.93
N GLN A 347 1.89 -8.30 18.92
CA GLN A 347 0.85 -9.30 19.15
C GLN A 347 -0.02 -9.44 17.92
N LEU A 348 -0.31 -8.31 17.28
CA LEU A 348 -1.12 -8.30 16.08
C LEU A 348 -0.37 -8.99 14.96
N MET A 349 0.80 -8.48 14.63
CA MET A 349 1.60 -9.07 13.56
C MET A 349 1.73 -10.58 13.74
N PHE A 350 1.84 -11.01 15.00
CA PHE A 350 1.95 -12.43 15.34
C PHE A 350 0.70 -13.15 14.88
N ASN A 351 -0.45 -12.60 15.27
CA ASN A 351 -1.71 -13.20 14.90
C ASN A 351 -1.95 -13.21 13.41
N MET A 352 -1.44 -12.20 12.71
CA MET A 352 -1.62 -12.13 11.27
C MET A 352 -0.75 -13.17 10.58
N ALA A 353 0.15 -13.79 11.33
CA ALA A 353 1.03 -14.82 10.77
C ALA A 353 0.20 -16.08 10.64
N LEU A 354 -0.90 -16.13 11.38
CA LEU A 354 -1.81 -17.25 11.38
C LEU A 354 -3.00 -17.03 10.46
N ASP A 355 -2.91 -16.05 9.56
CA ASP A 355 -4.01 -15.78 8.65
C ASP A 355 -4.10 -16.82 7.55
N LYS A 356 -5.28 -17.44 7.44
CA LYS A 356 -5.52 -18.50 6.47
C LYS A 356 -5.43 -18.09 5.00
N LYS A 357 -4.88 -16.92 4.73
CA LYS A 357 -4.72 -16.48 3.35
C LYS A 357 -3.23 -16.47 3.00
N ASN A 358 -2.39 -16.28 4.00
CA ASN A 358 -0.97 -16.24 3.79
C ASN A 358 -0.51 -17.39 2.91
N ASP A 359 0.17 -17.06 1.83
CA ASP A 359 0.74 -18.03 0.94
C ASP A 359 2.13 -18.27 1.51
N GLY A 360 2.29 -19.36 2.26
CA GLY A 360 3.57 -19.61 2.87
C GLY A 360 3.73 -18.53 3.94
N PRO A 361 4.86 -17.83 3.95
CA PRO A 361 5.08 -16.77 4.93
C PRO A 361 4.64 -15.41 4.40
N LYS A 362 4.39 -15.35 3.09
CA LYS A 362 3.96 -14.12 2.43
C LYS A 362 2.55 -13.74 2.87
N LYS A 363 2.39 -12.79 3.77
CA LYS A 363 1.05 -12.41 4.19
C LYS A 363 0.27 -11.90 2.98
N LYS A 364 -1.04 -12.11 2.97
CA LYS A 364 -1.88 -11.63 1.87
C LYS A 364 -3.09 -10.89 2.44
N ILE A 365 -3.34 -9.68 1.93
CA ILE A 365 -4.48 -8.89 2.39
C ILE A 365 -5.26 -8.36 1.19
N VAL A 366 -6.56 -8.21 1.35
CA VAL A 366 -7.39 -7.70 0.28
C VAL A 366 -7.19 -6.18 0.21
N LEU A 367 -6.87 -5.70 -0.99
CA LEU A 367 -6.65 -4.27 -1.20
C LEU A 367 -7.72 -3.70 -2.12
N LEU A 368 -8.34 -2.59 -1.69
CA LEU A 368 -9.37 -1.93 -2.51
C LEU A 368 -8.76 -0.75 -3.27
N SER A 369 -9.05 -0.65 -4.56
CA SER A 369 -8.51 0.44 -5.36
C SER A 369 -9.49 1.61 -5.40
N ALA A 370 -10.74 1.32 -5.07
CA ALA A 370 -11.80 2.33 -5.04
C ALA A 370 -13.01 1.64 -4.45
N ILE A 371 -13.92 2.39 -3.86
CA ILE A 371 -15.11 1.81 -3.26
C ILE A 371 -15.92 0.96 -4.24
N GLY A 372 -15.93 -0.35 -4.00
CA GLY A 372 -16.67 -1.26 -4.86
C GLY A 372 -15.83 -1.86 -5.96
N THR A 373 -14.51 -1.76 -5.82
CA THR A 373 -13.58 -2.29 -6.81
C THR A 373 -12.25 -2.73 -6.19
N PRO A 374 -12.01 -4.05 -6.13
CA PRO A 374 -10.80 -4.69 -5.58
C PRO A 374 -9.61 -4.44 -6.47
N TYR A 375 -8.43 -4.44 -5.87
CA TYR A 375 -7.20 -4.22 -6.62
C TYR A 375 -6.93 -5.43 -7.53
N GLU A 376 -7.23 -6.63 -7.01
CA GLU A 376 -7.06 -7.90 -7.72
C GLU A 376 -8.27 -8.75 -7.34
N THR A 377 -8.43 -9.88 -8.01
CA THR A 377 -9.53 -10.79 -7.71
C THR A 377 -9.01 -11.88 -6.78
N ARG A 378 -8.19 -11.46 -5.82
CA ARG A 378 -7.57 -12.34 -4.84
C ARG A 378 -6.89 -11.45 -3.81
N ALA A 379 -6.29 -12.04 -2.79
CA ALA A 379 -5.57 -11.27 -1.77
C ALA A 379 -4.23 -10.86 -2.30
N SER A 380 -3.82 -9.64 -1.95
CA SER A 380 -2.55 -9.11 -2.41
C SER A 380 -1.47 -9.36 -1.36
N VAL A 381 -0.31 -9.83 -1.82
CA VAL A 381 0.80 -10.08 -0.90
C VAL A 381 1.35 -8.74 -0.40
N VAL A 382 1.33 -8.55 0.90
CA VAL A 382 1.81 -7.31 1.48
C VAL A 382 2.96 -7.54 2.45
N ALA A 383 4.06 -6.83 2.21
CA ALA A 383 5.25 -6.92 3.05
C ALA A 383 4.90 -6.65 4.50
N ASN A 384 5.67 -7.20 5.43
CA ASN A 384 5.41 -7.00 6.85
C ASN A 384 5.67 -5.57 7.34
N GLU A 385 6.67 -4.90 6.78
CA GLU A 385 6.97 -3.54 7.21
C GLU A 385 5.83 -2.59 6.91
N ASP A 386 5.18 -2.78 5.76
CA ASP A 386 4.06 -1.93 5.37
C ASP A 386 2.87 -2.17 6.30
N ILE A 387 2.61 -3.42 6.63
CA ILE A 387 1.52 -3.76 7.53
C ILE A 387 1.77 -3.05 8.87
N ARG A 388 3.02 -3.08 9.34
CA ARG A 388 3.38 -2.45 10.60
C ARG A 388 3.12 -0.94 10.67
N VAL A 389 3.48 -0.21 9.61
CA VAL A 389 3.26 1.23 9.63
C VAL A 389 1.80 1.60 9.87
N VAL A 390 0.88 0.99 9.13
CA VAL A 390 -0.54 1.30 9.29
C VAL A 390 -1.16 0.75 10.57
N LEU A 391 -0.32 0.25 11.45
CA LEU A 391 -0.79 -0.28 12.73
C LEU A 391 -0.26 0.62 13.86
N ALA A 392 0.12 1.83 13.47
CA ALA A 392 0.66 2.87 14.34
C ALA A 392 0.30 2.79 15.84
N ASN B 3 30.93 3.80 -26.55
CA ASN B 3 32.33 3.31 -26.53
C ASN B 3 33.30 4.25 -27.24
N PRO B 4 33.18 5.57 -26.98
CA PRO B 4 32.20 6.15 -26.04
C PRO B 4 30.94 6.76 -26.70
N THR B 5 29.82 6.70 -25.98
CA THR B 5 28.55 7.27 -26.43
C THR B 5 28.53 8.77 -26.08
N LYS B 6 28.23 9.60 -27.06
CA LYS B 6 28.19 11.04 -26.85
C LYS B 6 26.78 11.58 -27.06
N ILE B 7 26.42 12.57 -26.24
CA ILE B 7 25.12 13.22 -26.30
C ILE B 7 25.29 14.74 -26.31
N SER B 8 24.54 15.41 -27.17
CA SER B 8 24.59 16.86 -27.28
C SER B 8 23.56 17.55 -26.39
N ILE B 9 23.98 18.62 -25.72
CA ILE B 9 23.07 19.37 -24.85
C ILE B 9 23.29 20.86 -25.04
N LEU B 10 22.20 21.59 -25.23
CA LEU B 10 22.28 23.03 -25.43
C LEU B 10 23.19 23.39 -26.60
N GLY B 11 23.00 22.66 -27.69
CA GLY B 11 23.75 22.85 -28.92
C GLY B 11 25.22 22.46 -28.77
N ARG B 12 25.50 21.33 -28.14
CA ARG B 12 26.90 20.98 -27.94
C ARG B 12 27.15 19.57 -27.36
N GLU B 13 28.12 18.85 -27.94
CA GLU B 13 28.50 17.49 -27.51
C GLU B 13 29.32 17.48 -26.24
N SER B 14 28.76 17.98 -25.14
CA SER B 14 29.48 18.01 -23.87
C SER B 14 29.42 16.71 -23.06
N ILE B 15 28.43 15.89 -23.33
CA ILE B 15 28.28 14.63 -22.61
C ILE B 15 29.01 13.49 -23.30
N ILE B 16 29.77 12.74 -22.52
CA ILE B 16 30.53 11.60 -23.04
C ILE B 16 30.49 10.48 -21.98
N ALA B 17 29.92 9.33 -22.35
CA ALA B 17 29.79 8.20 -21.43
C ALA B 17 30.43 6.94 -21.97
N ASP B 18 31.02 6.17 -21.07
CA ASP B 18 31.68 4.92 -21.43
C ASP B 18 32.39 4.41 -20.19
N PHE B 19 32.98 3.21 -20.29
CA PHE B 19 33.70 2.62 -19.17
C PHE B 19 35.16 3.06 -19.13
N GLY B 20 35.64 3.35 -17.92
CA GLY B 20 37.01 3.77 -17.74
C GLY B 20 37.43 5.08 -18.39
N LEU B 21 36.56 6.08 -18.39
CA LEU B 21 36.91 7.37 -18.97
C LEU B 21 37.88 8.07 -18.04
N TRP B 22 37.62 7.95 -16.74
CA TRP B 22 38.45 8.56 -15.72
C TRP B 22 39.90 8.16 -15.93
N ARG B 23 40.10 6.85 -16.14
CA ARG B 23 41.44 6.34 -16.34
C ARG B 23 42.15 6.86 -17.57
N ASN B 24 41.62 6.52 -18.74
CA ASN B 24 42.25 6.93 -19.98
C ASN B 24 41.39 7.73 -20.95
N TYR B 25 41.22 9.02 -20.66
CA TYR B 25 40.44 9.90 -21.51
C TYR B 25 40.32 11.30 -20.93
N VAL B 26 39.72 11.41 -19.74
CA VAL B 26 39.53 12.70 -19.08
C VAL B 26 40.74 13.62 -19.13
N ALA B 27 41.84 13.21 -18.51
CA ALA B 27 43.07 14.01 -18.49
C ALA B 27 43.45 14.44 -19.90
N LYS B 28 43.37 13.50 -20.83
CA LYS B 28 43.71 13.74 -22.22
C LYS B 28 42.76 14.80 -22.81
N ASP B 29 41.46 14.57 -22.66
CA ASP B 29 40.44 15.48 -23.16
C ASP B 29 40.54 16.84 -22.49
N LEU B 30 40.76 16.86 -21.18
CA LEU B 30 40.87 18.13 -20.48
C LEU B 30 41.93 19.01 -21.12
N ILE B 31 43.14 18.48 -21.25
CA ILE B 31 44.25 19.23 -21.82
C ILE B 31 44.05 19.73 -23.25
N SER B 32 43.30 18.99 -24.06
CA SER B 32 43.08 19.41 -25.44
C SER B 32 41.87 20.35 -25.58
N ASP B 33 40.69 19.84 -25.24
CA ASP B 33 39.48 20.64 -25.33
C ASP B 33 39.41 21.73 -24.28
N CYS B 34 39.85 21.43 -23.06
CA CYS B 34 39.83 22.41 -21.97
C CYS B 34 41.23 22.94 -21.67
N SER B 35 41.88 23.45 -22.69
CA SER B 35 43.21 24.00 -22.52
C SER B 35 43.20 25.04 -21.38
N SER B 36 44.13 24.89 -20.44
CA SER B 36 44.21 25.79 -19.29
C SER B 36 45.58 25.63 -18.64
N THR B 37 45.91 26.53 -17.73
CA THR B 37 47.19 26.46 -17.02
C THR B 37 46.97 26.01 -15.59
N THR B 38 45.71 26.09 -15.15
CA THR B 38 45.37 25.70 -13.79
C THR B 38 44.10 24.87 -13.76
N TYR B 39 44.21 23.65 -13.26
CA TYR B 39 43.08 22.75 -13.13
C TYR B 39 42.89 22.48 -11.66
N VAL B 40 41.66 22.56 -11.19
CA VAL B 40 41.39 22.32 -9.78
C VAL B 40 40.43 21.16 -9.64
N LEU B 41 40.88 20.11 -8.98
CA LEU B 41 40.06 18.94 -8.76
C LEU B 41 39.43 18.97 -7.36
N VAL B 42 38.10 18.99 -7.32
CA VAL B 42 37.35 19.01 -6.08
C VAL B 42 36.69 17.65 -5.88
N THR B 43 36.83 17.10 -4.68
CA THR B 43 36.24 15.80 -4.33
C THR B 43 36.28 15.64 -2.82
N ASP B 44 35.82 14.50 -2.32
CA ASP B 44 35.85 14.30 -0.89
C ASP B 44 36.84 13.20 -0.54
N THR B 45 37.02 12.98 0.75
CA THR B 45 37.97 11.99 1.26
C THR B 45 37.72 10.56 0.80
N ASN B 46 36.47 10.11 0.80
CA ASN B 46 36.15 8.75 0.36
C ASN B 46 36.60 8.53 -1.08
N ILE B 47 35.88 9.16 -2.00
CA ILE B 47 36.16 9.07 -3.43
C ILE B 47 37.62 9.34 -3.77
N GLY B 48 38.13 10.46 -3.28
CA GLY B 48 39.50 10.89 -3.53
C GLY B 48 40.63 9.86 -3.38
N SER B 49 40.80 9.31 -2.19
CA SER B 49 41.87 8.34 -1.92
C SER B 49 41.84 7.11 -2.82
N ILE B 50 40.81 7.01 -3.64
CA ILE B 50 40.65 5.87 -4.54
C ILE B 50 40.90 6.20 -6.01
N TYR B 51 40.46 7.39 -6.42
CA TYR B 51 40.55 7.74 -7.83
C TYR B 51 41.50 8.87 -8.24
N THR B 52 41.85 9.77 -7.32
CA THR B 52 42.72 10.92 -7.68
C THR B 52 44.17 10.49 -7.95
N PRO B 53 44.70 9.48 -7.24
CA PRO B 53 46.09 9.03 -7.45
C PRO B 53 46.43 8.66 -8.88
N SER B 54 45.60 7.81 -9.47
CA SER B 54 45.84 7.37 -10.85
C SER B 54 45.60 8.52 -11.81
N PHE B 55 44.71 9.43 -11.44
CA PHE B 55 44.40 10.56 -12.29
C PHE B 55 45.56 11.55 -12.31
N GLU B 56 46.15 11.81 -11.16
CA GLU B 56 47.27 12.73 -11.06
C GLU B 56 48.31 12.30 -12.09
N GLU B 57 48.48 10.98 -12.19
CA GLU B 57 49.43 10.39 -13.11
C GLU B 57 49.08 10.61 -14.58
N ALA B 58 47.82 10.32 -14.91
CA ALA B 58 47.36 10.48 -16.29
C ALA B 58 47.44 11.95 -16.64
N PHE B 59 47.39 12.81 -15.63
CA PHE B 59 47.47 14.24 -15.86
C PHE B 59 48.89 14.68 -16.12
N ARG B 60 49.83 14.20 -15.31
CA ARG B 60 51.23 14.56 -15.48
C ARG B 60 51.70 14.05 -16.82
N LYS B 61 51.20 12.87 -17.19
CA LYS B 61 51.54 12.23 -18.44
C LYS B 61 51.15 13.15 -19.61
N ARG B 62 49.96 13.74 -19.53
CA ARG B 62 49.49 14.62 -20.60
C ARG B 62 50.06 16.03 -20.55
N ALA B 63 50.26 16.57 -19.34
CA ALA B 63 50.79 17.92 -19.20
C ALA B 63 52.29 17.99 -19.47
N ALA B 64 52.91 16.83 -19.71
CA ALA B 64 54.30 16.78 -20.04
C ALA B 64 54.44 17.26 -21.49
N GLU B 65 53.33 17.12 -22.19
CA GLU B 65 53.25 17.54 -23.57
C GLU B 65 53.44 19.06 -23.58
N ILE B 66 52.56 19.74 -22.86
CA ILE B 66 52.54 21.19 -22.75
C ILE B 66 53.77 21.79 -22.09
N THR B 67 53.98 23.08 -22.36
CA THR B 67 55.11 23.83 -21.80
C THR B 67 54.88 25.35 -21.97
N PRO B 68 54.85 26.10 -20.85
CA PRO B 68 55.03 25.63 -19.46
C PRO B 68 53.93 24.64 -19.11
N SER B 69 54.28 23.61 -18.33
CA SER B 69 53.31 22.60 -17.95
C SER B 69 52.24 23.11 -16.99
N PRO B 70 50.96 22.77 -17.25
CA PRO B 70 49.87 23.21 -16.39
C PRO B 70 49.92 22.51 -15.03
N ARG B 71 49.17 23.03 -14.07
CA ARG B 71 49.14 22.49 -12.70
C ARG B 71 47.76 22.00 -12.30
N LEU B 72 47.72 20.89 -11.56
CA LEU B 72 46.46 20.34 -11.06
C LEU B 72 46.46 20.49 -9.54
N LEU B 73 45.52 21.27 -9.02
CA LEU B 73 45.41 21.48 -7.58
C LEU B 73 44.20 20.67 -7.12
N ILE B 74 44.37 19.90 -6.04
CA ILE B 74 43.30 19.04 -5.54
C ILE B 74 42.70 19.49 -4.21
N TYR B 75 41.37 19.47 -4.10
CA TYR B 75 40.72 19.89 -2.86
C TYR B 75 39.90 18.77 -2.20
N ASN B 76 40.27 18.38 -0.99
CA ASN B 76 39.55 17.31 -0.29
C ASN B 76 38.89 17.75 1.02
N ARG B 77 37.60 17.44 1.14
CA ARG B 77 36.84 17.81 2.33
C ARG B 77 35.80 16.76 2.79
N PRO B 78 35.18 16.98 3.97
CA PRO B 78 34.16 16.17 4.66
C PRO B 78 32.92 15.69 3.88
N PRO B 79 32.42 14.50 4.24
CA PRO B 79 31.26 13.79 3.68
C PRO B 79 29.85 14.26 4.09
N GLY B 80 28.88 13.94 3.24
CA GLY B 80 27.48 14.28 3.49
C GLY B 80 26.94 15.50 2.74
N GLU B 81 25.68 15.85 3.02
CA GLU B 81 25.03 17.03 2.41
C GLU B 81 25.48 18.28 3.18
N VAL B 82 26.29 18.07 4.22
CA VAL B 82 26.82 19.15 5.06
C VAL B 82 27.77 20.00 4.25
N SER B 83 28.35 19.37 3.23
CA SER B 83 29.29 20.06 2.36
C SER B 83 28.61 21.08 1.44
N LYS B 84 27.28 21.07 1.41
CA LYS B 84 26.57 22.03 0.56
C LYS B 84 26.08 23.22 1.37
N SER B 85 26.98 24.15 1.66
CA SER B 85 26.62 25.34 2.44
C SER B 85 27.42 26.54 1.97
N ARG B 86 27.02 27.71 2.43
CA ARG B 86 27.73 28.92 2.07
C ARG B 86 29.15 28.80 2.63
N GLN B 87 29.24 28.29 3.86
CA GLN B 87 30.53 28.09 4.53
C GLN B 87 31.48 27.35 3.63
N THR B 88 31.06 26.15 3.23
CA THR B 88 31.88 25.30 2.39
C THR B 88 32.28 25.92 1.07
N LYS B 89 31.30 26.52 0.37
CA LYS B 89 31.57 27.14 -0.93
C LYS B 89 32.61 28.22 -0.76
N ALA B 90 32.50 28.96 0.34
CA ALA B 90 33.45 30.01 0.63
C ALA B 90 34.86 29.46 0.81
N ASP B 91 34.99 28.36 1.55
CA ASP B 91 36.30 27.75 1.81
C ASP B 91 37.01 27.29 0.55
N ILE B 92 36.27 26.71 -0.38
CA ILE B 92 36.85 26.26 -1.64
C ILE B 92 37.38 27.51 -2.36
N GLU B 93 36.58 28.57 -2.34
CA GLU B 93 36.95 29.82 -2.98
C GLU B 93 38.19 30.43 -2.30
N ASP B 94 38.14 30.63 -0.98
CA ASP B 94 39.28 31.19 -0.26
C ASP B 94 40.54 30.38 -0.57
N TRP B 95 40.37 29.07 -0.67
CA TRP B 95 41.49 28.17 -0.97
C TRP B 95 42.06 28.45 -2.37
N MET B 96 41.18 28.52 -3.36
CA MET B 96 41.61 28.76 -4.73
C MET B 96 42.38 30.08 -4.91
N LEU B 97 41.86 31.15 -4.31
CA LEU B 97 42.48 32.47 -4.39
C LEU B 97 43.83 32.48 -3.68
N SER B 98 43.93 31.70 -2.62
CA SER B 98 45.16 31.65 -1.84
C SER B 98 46.30 30.79 -2.41
N GLN B 99 46.14 30.31 -3.64
CA GLN B 99 47.18 29.51 -4.26
C GLN B 99 48.36 30.39 -4.69
N ASN B 100 49.42 29.78 -5.20
CA ASN B 100 50.60 30.53 -5.62
C ASN B 100 51.09 30.12 -7.02
N PRO B 101 50.71 30.88 -8.06
CA PRO B 101 49.86 32.07 -7.99
C PRO B 101 48.42 31.69 -7.74
N PRO B 102 47.54 32.68 -7.55
CA PRO B 102 46.12 32.38 -7.32
C PRO B 102 45.47 31.81 -8.58
N CYS B 103 44.33 31.16 -8.42
CA CYS B 103 43.63 30.59 -9.58
C CYS B 103 42.93 31.73 -10.33
N GLY B 104 43.25 31.89 -11.61
CA GLY B 104 42.66 32.96 -12.40
C GLY B 104 41.38 32.56 -13.10
N ARG B 105 40.97 33.35 -14.09
CA ARG B 105 39.75 33.06 -14.84
C ARG B 105 39.99 31.96 -15.86
N ASP B 106 41.23 31.51 -15.97
CA ASP B 106 41.54 30.44 -16.93
C ASP B 106 41.30 29.09 -16.28
N THR B 107 41.27 29.07 -14.95
CA THR B 107 41.05 27.85 -14.18
C THR B 107 40.00 26.94 -14.81
N VAL B 108 40.16 25.64 -14.56
CA VAL B 108 39.23 24.62 -15.03
C VAL B 108 38.98 23.71 -13.83
N VAL B 109 37.84 23.92 -13.18
CA VAL B 109 37.47 23.13 -12.00
C VAL B 109 36.94 21.76 -12.43
N ILE B 110 37.35 20.72 -11.72
CA ILE B 110 36.92 19.35 -12.00
C ILE B 110 36.12 18.81 -10.81
N ALA B 111 34.83 18.56 -11.02
CA ALA B 111 33.96 18.04 -9.96
C ALA B 111 33.95 16.51 -10.02
N LEU B 112 34.47 15.89 -8.97
CA LEU B 112 34.54 14.42 -8.89
C LEU B 112 33.76 13.95 -7.68
N GLY B 113 32.47 13.73 -7.86
CA GLY B 113 31.65 13.26 -6.78
C GLY B 113 30.20 13.14 -7.20
N GLY B 114 29.31 13.02 -6.22
CA GLY B 114 27.89 12.91 -6.53
C GLY B 114 27.31 14.30 -6.70
N GLY B 115 26.03 14.44 -6.41
CA GLY B 115 25.38 15.73 -6.55
C GLY B 115 25.90 16.82 -5.63
N VAL B 116 26.38 16.43 -4.45
CA VAL B 116 26.89 17.40 -3.50
C VAL B 116 28.14 18.06 -4.05
N ILE B 117 29.12 17.24 -4.46
CA ILE B 117 30.37 17.74 -5.03
C ILE B 117 30.12 18.39 -6.39
N GLY B 118 29.03 17.98 -7.05
CA GLY B 118 28.70 18.51 -8.35
C GLY B 118 28.07 19.88 -8.25
N ASP B 119 27.05 20.01 -7.41
CA ASP B 119 26.36 21.28 -7.23
C ASP B 119 27.29 22.33 -6.64
N LEU B 120 27.98 21.95 -5.57
CA LEU B 120 28.92 22.82 -4.89
C LEU B 120 29.95 23.35 -5.88
N THR B 121 30.64 22.42 -6.54
CA THR B 121 31.66 22.76 -7.52
C THR B 121 31.13 23.60 -8.68
N GLY B 122 29.98 23.20 -9.23
CA GLY B 122 29.40 23.95 -10.33
C GLY B 122 29.12 25.38 -9.94
N PHE B 123 28.61 25.57 -8.73
CA PHE B 123 28.31 26.89 -8.21
C PHE B 123 29.60 27.70 -7.99
N VAL B 124 30.56 27.11 -7.29
CA VAL B 124 31.82 27.77 -7.01
C VAL B 124 32.42 28.34 -8.28
N ALA B 125 32.24 27.60 -9.38
CA ALA B 125 32.77 28.03 -10.67
C ALA B 125 31.92 29.13 -11.30
N SER B 126 30.62 29.10 -11.09
CA SER B 126 29.74 30.12 -11.68
C SER B 126 29.98 31.52 -11.13
N THR B 127 30.52 31.61 -9.93
CA THR B 127 30.76 32.91 -9.32
C THR B 127 32.24 33.25 -9.13
N TYR B 128 33.10 32.26 -9.29
CA TYR B 128 34.53 32.49 -9.12
C TYR B 128 35.01 33.53 -10.11
N MET B 129 35.38 34.70 -9.61
CA MET B 129 35.84 35.76 -10.50
C MET B 129 34.81 35.93 -11.61
N ARG B 130 33.55 35.78 -11.22
CA ARG B 130 32.40 35.89 -12.10
C ARG B 130 32.23 34.76 -13.11
N GLY B 131 33.08 33.74 -13.03
CA GLY B 131 32.92 32.63 -13.94
C GLY B 131 34.12 31.94 -14.54
N VAL B 132 34.22 30.64 -14.29
CA VAL B 132 35.30 29.80 -14.83
C VAL B 132 34.68 28.50 -15.27
N ARG B 133 35.34 27.80 -16.20
CA ARG B 133 34.81 26.54 -16.69
C ARG B 133 34.99 25.41 -15.67
N TYR B 134 34.24 24.34 -15.87
CA TYR B 134 34.37 23.17 -15.01
C TYR B 134 33.79 21.99 -15.76
N VAL B 135 34.20 20.80 -15.33
CA VAL B 135 33.72 19.59 -15.95
C VAL B 135 33.14 18.75 -14.83
N GLN B 136 32.10 18.00 -15.16
CA GLN B 136 31.44 17.14 -14.21
C GLN B 136 31.94 15.72 -14.37
N VAL B 137 32.29 15.07 -13.25
CA VAL B 137 32.73 13.69 -13.29
C VAL B 137 31.86 12.93 -12.29
N PRO B 138 30.62 12.61 -12.68
CA PRO B 138 29.71 11.89 -11.79
C PRO B 138 30.23 10.53 -11.31
N THR B 139 30.23 10.35 -10.00
CA THR B 139 30.67 9.11 -9.38
C THR B 139 29.50 8.35 -8.75
N THR B 140 28.28 8.86 -8.89
CA THR B 140 27.11 8.18 -8.34
C THR B 140 26.05 8.05 -9.42
N LEU B 141 25.24 6.99 -9.35
CA LEU B 141 24.22 6.78 -10.38
C LEU B 141 23.32 7.99 -10.50
N LEU B 142 22.89 8.53 -9.36
CA LEU B 142 22.02 9.70 -9.39
C LEU B 142 22.69 10.88 -10.12
N ALA B 143 24.01 10.96 -10.06
CA ALA B 143 24.70 12.05 -10.72
C ALA B 143 24.86 11.83 -12.21
N MET B 144 25.05 10.58 -12.63
CA MET B 144 25.23 10.26 -14.03
C MET B 144 23.93 10.37 -14.83
N VAL B 145 22.82 10.08 -14.16
CA VAL B 145 21.51 10.13 -14.80
C VAL B 145 20.76 11.45 -14.61
N ASP B 146 21.21 12.29 -13.69
CA ASP B 146 20.45 13.54 -13.46
C ASP B 146 21.25 14.76 -12.94
N SER B 147 21.94 14.65 -11.79
CA SER B 147 22.60 15.79 -11.20
C SER B 147 23.79 16.41 -11.94
N SER B 148 24.52 15.65 -12.73
CA SER B 148 25.67 16.24 -13.45
C SER B 148 25.26 16.87 -14.77
N ILE B 149 24.01 16.64 -15.16
CA ILE B 149 23.49 17.17 -16.42
C ILE B 149 22.44 18.26 -16.20
N GLY B 150 22.46 19.27 -17.06
CA GLY B 150 21.50 20.35 -16.94
C GLY B 150 22.13 21.70 -16.67
N GLY B 151 23.20 21.70 -15.87
CA GLY B 151 23.86 22.95 -15.55
C GLY B 151 23.36 23.56 -14.27
N LYS B 152 22.34 22.95 -13.66
CA LYS B 152 21.80 23.44 -12.41
C LYS B 152 22.73 23.18 -11.24
N THR B 153 23.06 24.23 -10.49
CA THR B 153 23.93 24.10 -9.33
C THR B 153 23.35 24.93 -8.21
N ALA B 154 23.80 24.66 -6.99
CA ALA B 154 23.30 25.38 -5.83
C ALA B 154 23.97 24.90 -4.55
N ILE B 155 23.52 25.45 -3.44
CA ILE B 155 23.94 25.13 -2.08
C ILE B 155 22.67 25.23 -1.25
N ASP B 156 22.68 24.73 -0.02
CA ASP B 156 21.48 24.79 0.82
C ASP B 156 21.62 25.77 1.96
N THR B 157 20.50 26.34 2.38
CA THR B 157 20.48 27.26 3.52
C THR B 157 19.54 26.63 4.52
N PRO B 158 19.62 27.04 5.80
CA PRO B 158 18.77 26.49 6.85
C PRO B 158 17.26 26.44 6.57
N LEU B 159 16.82 27.10 5.50
CA LEU B 159 15.41 27.14 5.15
C LEU B 159 14.93 26.24 4.01
N GLY B 160 15.79 25.40 3.46
CA GLY B 160 15.33 24.54 2.38
C GLY B 160 16.38 24.09 1.40
N LYS B 161 15.96 23.27 0.44
CA LYS B 161 16.88 22.74 -0.57
C LYS B 161 17.15 23.68 -1.74
N ASN B 162 18.42 23.71 -2.15
CA ASN B 162 18.89 24.50 -3.26
C ASN B 162 18.18 25.83 -3.42
N LEU B 163 18.27 26.69 -2.40
CA LEU B 163 17.63 27.99 -2.48
C LEU B 163 18.52 29.05 -3.15
N ILE B 164 19.83 28.89 -3.01
CA ILE B 164 20.78 29.82 -3.62
C ILE B 164 21.69 29.04 -4.56
N GLY B 165 21.91 29.57 -5.76
CA GLY B 165 22.76 28.88 -6.70
C GLY B 165 22.71 29.58 -8.03
N ALA B 166 23.13 28.88 -9.08
CA ALA B 166 23.11 29.45 -10.42
C ALA B 166 23.06 28.35 -11.45
N ILE B 167 22.75 28.71 -12.68
CA ILE B 167 22.70 27.75 -13.76
C ILE B 167 23.94 28.01 -14.60
N TRP B 168 24.96 27.19 -14.38
CA TRP B 168 26.25 27.29 -15.07
C TRP B 168 26.52 25.97 -15.76
N GLN B 169 26.48 25.96 -17.09
CA GLN B 169 26.70 24.73 -17.84
C GLN B 169 28.15 24.27 -17.79
N PRO B 170 28.38 22.97 -17.52
CA PRO B 170 29.73 22.40 -17.46
C PRO B 170 30.23 22.27 -18.88
N THR B 171 31.52 22.35 -19.09
CA THR B 171 32.08 22.24 -20.44
C THR B 171 32.12 20.80 -20.92
N LYS B 172 32.28 19.88 -19.97
CA LYS B 172 32.36 18.45 -20.25
C LYS B 172 31.70 17.69 -19.10
N ILE B 173 31.12 16.54 -19.42
CA ILE B 173 30.46 15.68 -18.44
C ILE B 173 30.97 14.28 -18.77
N TYR B 174 31.65 13.65 -17.82
CA TYR B 174 32.20 12.32 -18.05
C TYR B 174 31.50 11.22 -17.28
N ILE B 175 30.55 10.55 -17.95
CA ILE B 175 29.83 9.44 -17.35
C ILE B 175 30.67 8.17 -17.46
N ASP B 176 31.51 7.93 -16.45
CA ASP B 176 32.33 6.72 -16.43
C ASP B 176 31.59 5.66 -15.61
N LEU B 177 30.86 4.80 -16.31
CA LEU B 177 30.09 3.73 -15.68
C LEU B 177 30.92 2.96 -14.67
N GLU B 178 32.20 2.80 -14.97
CA GLU B 178 33.13 2.09 -14.09
C GLU B 178 33.08 2.56 -12.64
N PHE B 179 32.59 3.78 -12.40
CA PHE B 179 32.50 4.29 -11.03
C PHE B 179 31.46 3.54 -10.25
N LEU B 180 30.51 2.95 -10.97
CA LEU B 180 29.42 2.22 -10.33
C LEU B 180 29.89 0.92 -9.68
N GLU B 181 31.04 0.43 -10.12
CA GLU B 181 31.59 -0.80 -9.58
C GLU B 181 31.74 -0.75 -8.06
N THR B 182 31.94 0.44 -7.51
CA THR B 182 32.13 0.58 -6.07
C THR B 182 31.00 1.32 -5.38
N LEU B 183 30.00 1.73 -6.14
CA LEU B 183 28.87 2.47 -5.56
C LEU B 183 28.13 1.60 -4.54
N PRO B 184 27.98 2.09 -3.30
CA PRO B 184 27.27 1.31 -2.28
C PRO B 184 25.85 0.98 -2.74
N VAL B 185 25.30 -0.11 -2.22
CA VAL B 185 23.96 -0.54 -2.62
C VAL B 185 22.92 0.56 -2.50
N ARG B 186 22.84 1.19 -1.33
CA ARG B 186 21.86 2.25 -1.09
C ARG B 186 21.96 3.38 -2.11
N GLU B 187 23.17 3.88 -2.33
CA GLU B 187 23.37 4.96 -3.28
C GLU B 187 22.81 4.56 -4.64
N PHE B 188 22.97 3.29 -5.00
CA PHE B 188 22.48 2.82 -6.28
C PHE B 188 20.95 2.88 -6.32
N ILE B 189 20.30 2.35 -5.29
CA ILE B 189 18.84 2.38 -5.24
C ILE B 189 18.44 3.85 -5.19
N ASN B 190 19.16 4.61 -4.39
CA ASN B 190 18.91 6.04 -4.23
C ASN B 190 18.87 6.76 -5.58
N GLY B 191 19.88 6.50 -6.41
CA GLY B 191 19.95 7.10 -7.72
C GLY B 191 18.82 6.59 -8.61
N MET B 192 18.49 5.32 -8.46
CA MET B 192 17.44 4.70 -9.25
C MET B 192 16.11 5.46 -9.31
N ALA B 193 15.85 6.31 -8.32
CA ALA B 193 14.62 7.11 -8.28
C ALA B 193 14.53 8.10 -9.44
N GLU B 194 15.66 8.74 -9.76
CA GLU B 194 15.73 9.71 -10.84
C GLU B 194 15.52 9.04 -12.18
N VAL B 195 16.02 7.82 -12.32
CA VAL B 195 15.88 7.07 -13.56
C VAL B 195 14.41 6.76 -13.80
N ILE B 196 13.73 6.31 -12.75
CA ILE B 196 12.31 5.98 -12.85
C ILE B 196 11.50 7.26 -13.08
N LYS B 197 11.89 8.35 -12.43
CA LYS B 197 11.21 9.63 -12.60
C LYS B 197 11.24 10.05 -14.07
N THR B 198 12.45 10.16 -14.62
CA THR B 198 12.65 10.55 -16.00
C THR B 198 11.83 9.72 -16.97
N ALA B 199 11.71 8.43 -16.70
CA ALA B 199 10.93 7.58 -17.57
C ALA B 199 9.43 7.86 -17.39
N ALA B 200 9.00 8.05 -16.15
CA ALA B 200 7.60 8.31 -15.87
C ALA B 200 7.05 9.59 -16.51
N ILE B 201 7.94 10.51 -16.91
CA ILE B 201 7.51 11.78 -17.53
C ILE B 201 7.89 11.81 -19.00
N SER B 202 8.42 10.70 -19.50
CA SER B 202 8.82 10.65 -20.90
C SER B 202 8.26 9.46 -21.66
N SER B 203 8.77 8.26 -21.36
CA SER B 203 8.36 7.05 -22.06
C SER B 203 7.70 5.95 -21.24
N GLU B 204 6.53 5.50 -21.70
CA GLU B 204 5.81 4.43 -21.03
C GLU B 204 6.62 3.15 -21.25
N GLU B 205 7.22 3.03 -22.44
CA GLU B 205 8.05 1.87 -22.83
C GLU B 205 9.23 1.78 -21.88
N GLU B 206 9.92 2.90 -21.75
CA GLU B 206 11.09 3.01 -20.90
C GLU B 206 10.72 2.71 -19.46
N PHE B 207 9.51 3.09 -19.07
CA PHE B 207 9.05 2.83 -17.71
C PHE B 207 8.88 1.31 -17.53
N THR B 208 8.23 0.68 -18.50
CA THR B 208 8.02 -0.76 -18.45
C THR B 208 9.37 -1.45 -18.40
N ALA B 209 10.29 -1.01 -19.27
CA ALA B 209 11.62 -1.59 -19.32
C ALA B 209 12.26 -1.52 -17.94
N LEU B 210 11.99 -0.44 -17.21
CA LEU B 210 12.55 -0.30 -15.88
C LEU B 210 11.85 -1.27 -14.92
N GLU B 211 10.58 -1.54 -15.17
CA GLU B 211 9.85 -2.47 -14.33
C GLU B 211 10.42 -3.86 -14.48
N GLU B 212 10.62 -4.27 -15.73
CA GLU B 212 11.15 -5.59 -16.04
C GLU B 212 12.56 -5.84 -15.55
N ASN B 213 13.40 -4.82 -15.60
CA ASN B 213 14.79 -4.94 -15.18
C ASN B 213 14.96 -4.87 -13.66
N ALA B 214 13.93 -4.41 -12.96
CA ALA B 214 13.96 -4.29 -11.50
C ALA B 214 14.75 -5.41 -10.84
N GLU B 215 14.23 -6.65 -10.92
CA GLU B 215 14.89 -7.79 -10.30
C GLU B 215 16.33 -8.02 -10.71
N THR B 216 16.54 -8.24 -12.00
CA THR B 216 17.89 -8.48 -12.53
C THR B 216 18.91 -7.50 -11.97
N ILE B 217 18.62 -6.22 -12.13
CA ILE B 217 19.48 -5.13 -11.67
C ILE B 217 19.68 -5.12 -10.16
N LEU B 218 18.58 -5.05 -9.43
CA LEU B 218 18.64 -5.00 -7.98
C LEU B 218 19.39 -6.19 -7.38
N LYS B 219 19.40 -7.31 -8.08
CA LYS B 219 20.10 -8.49 -7.57
C LYS B 219 21.59 -8.42 -7.89
N ALA B 220 21.93 -7.79 -9.01
CA ALA B 220 23.33 -7.64 -9.42
C ALA B 220 24.01 -6.58 -8.55
N VAL B 221 23.22 -5.61 -8.12
CA VAL B 221 23.69 -4.53 -7.27
C VAL B 221 24.11 -5.07 -5.89
N ARG B 222 23.24 -5.92 -5.33
CA ARG B 222 23.42 -6.52 -4.01
C ARG B 222 24.39 -7.70 -4.01
N ARG B 223 24.47 -8.41 -5.13
CA ARG B 223 25.38 -9.55 -5.24
C ARG B 223 26.84 -9.15 -4.99
N GLU B 224 27.50 -9.82 -4.03
CA GLU B 224 28.91 -9.55 -3.74
C GLU B 224 29.77 -9.83 -4.95
N VAL B 225 30.74 -8.96 -5.19
CA VAL B 225 31.62 -9.16 -6.32
C VAL B 225 33.00 -9.64 -5.92
N THR B 226 33.50 -10.60 -6.69
CA THR B 226 34.82 -11.15 -6.44
C THR B 226 35.86 -10.22 -7.08
N PRO B 227 37.11 -10.30 -6.61
CA PRO B 227 38.26 -9.53 -7.08
C PRO B 227 38.45 -9.27 -8.57
N GLY B 228 38.07 -10.22 -9.42
CA GLY B 228 38.33 -10.03 -10.86
C GLY B 228 37.18 -9.82 -11.83
N GLU B 229 35.95 -9.68 -11.35
CA GLU B 229 34.82 -9.51 -12.25
C GLU B 229 34.16 -8.16 -12.10
N HIS B 230 33.07 -7.96 -12.83
CA HIS B 230 32.35 -6.69 -12.78
C HIS B 230 30.99 -6.85 -12.16
N ARG B 231 30.66 -5.99 -11.21
CA ARG B 231 29.38 -6.07 -10.53
C ARG B 231 28.23 -6.14 -11.51
N PHE B 232 28.47 -5.66 -12.72
CA PHE B 232 27.43 -5.66 -13.73
C PHE B 232 27.76 -6.51 -14.94
N GLU B 233 28.29 -7.69 -14.69
CA GLU B 233 28.61 -8.61 -15.76
C GLU B 233 27.26 -8.96 -16.39
N GLY B 234 27.27 -9.51 -17.61
CA GLY B 234 26.04 -9.90 -18.28
C GLY B 234 24.93 -8.90 -18.47
N THR B 235 24.70 -8.08 -17.44
CA THR B 235 23.67 -7.05 -17.48
C THR B 235 24.33 -5.68 -17.67
N GLU B 236 25.35 -5.64 -18.53
CA GLU B 236 26.11 -4.42 -18.79
C GLU B 236 25.45 -3.45 -19.76
N GLU B 237 24.98 -3.98 -20.88
CA GLU B 237 24.33 -3.15 -21.88
C GLU B 237 23.00 -2.63 -21.34
N ILE B 238 22.23 -3.52 -20.71
CA ILE B 238 20.94 -3.12 -20.13
C ILE B 238 21.12 -1.90 -19.25
N LEU B 239 22.06 -1.98 -18.31
CA LEU B 239 22.33 -0.88 -17.40
C LEU B 239 22.59 0.39 -18.21
N LYS B 240 23.62 0.36 -19.04
CA LYS B 240 23.97 1.49 -19.89
C LYS B 240 22.75 2.05 -20.62
N ALA B 241 21.84 1.18 -21.02
CA ALA B 241 20.64 1.61 -21.73
C ALA B 241 19.79 2.48 -20.80
N ARG B 242 19.48 1.93 -19.62
CA ARG B 242 18.69 2.65 -18.62
C ARG B 242 19.27 4.03 -18.31
N ILE B 243 20.60 4.10 -18.14
CA ILE B 243 21.27 5.35 -17.83
C ILE B 243 21.11 6.33 -18.97
N LEU B 244 21.60 5.99 -20.15
CA LEU B 244 21.48 6.86 -21.31
C LEU B 244 20.05 7.33 -21.51
N ALA B 245 19.09 6.41 -21.42
CA ALA B 245 17.69 6.78 -21.58
C ALA B 245 17.37 8.05 -20.77
N SER B 246 17.71 8.03 -19.47
CA SER B 246 17.49 9.15 -18.57
C SER B 246 18.35 10.37 -18.90
N ALA B 247 19.63 10.13 -19.18
CA ALA B 247 20.54 11.20 -19.53
C ALA B 247 20.04 11.91 -20.77
N ARG B 248 19.76 11.13 -21.83
CA ARG B 248 19.30 11.70 -23.09
C ARG B 248 18.05 12.54 -22.96
N HIS B 249 17.05 12.04 -22.24
CA HIS B 249 15.82 12.79 -22.11
C HIS B 249 16.02 14.08 -21.34
N LYS B 250 16.89 14.07 -20.33
CA LYS B 250 17.12 15.31 -19.58
C LYS B 250 17.77 16.32 -20.53
N ALA B 251 18.64 15.83 -21.40
CA ALA B 251 19.31 16.69 -22.37
C ALA B 251 18.24 17.30 -23.27
N TYR B 252 17.27 16.49 -23.66
CA TYR B 252 16.21 16.98 -24.51
C TYR B 252 15.43 18.07 -23.76
N VAL B 253 15.04 17.78 -22.53
CA VAL B 253 14.27 18.75 -21.74
C VAL B 253 15.06 19.99 -21.39
N VAL B 254 16.32 19.83 -20.98
CA VAL B 254 17.15 20.98 -20.62
C VAL B 254 17.49 21.85 -21.83
N SER B 255 17.76 21.23 -22.96
CA SER B 255 18.09 21.96 -24.18
C SER B 255 16.97 22.87 -24.62
N ALA B 256 15.72 22.44 -24.44
CA ALA B 256 14.57 23.21 -24.86
C ALA B 256 14.11 24.29 -23.89
N ASP B 257 14.56 24.19 -22.63
CA ASP B 257 14.18 25.17 -21.63
C ASP B 257 15.19 25.26 -20.50
N GLU B 258 16.44 25.53 -20.87
CA GLU B 258 17.54 25.64 -19.92
C GLU B 258 17.23 26.37 -18.61
N ARG B 259 16.66 27.57 -18.70
CA ARG B 259 16.37 28.33 -17.50
C ARG B 259 14.98 28.15 -16.93
N GLU B 260 14.49 26.91 -17.00
CA GLU B 260 13.19 26.56 -16.46
C GLU B 260 12.12 27.66 -16.62
N GLY B 261 11.71 27.87 -17.86
CA GLY B 261 10.68 28.85 -18.15
C GLY B 261 9.38 28.07 -18.34
N GLY B 262 9.53 26.80 -18.70
CA GLY B 262 8.36 25.97 -18.90
C GLY B 262 8.66 24.48 -18.83
N LEU B 263 9.11 23.91 -19.94
CA LEU B 263 9.40 22.49 -20.02
C LEU B 263 10.25 21.90 -18.90
N ARG B 264 11.30 22.59 -18.47
CA ARG B 264 12.16 22.05 -17.43
C ARG B 264 11.49 21.80 -16.08
N ASN B 265 10.25 22.26 -15.93
CA ASN B 265 9.53 22.01 -14.68
C ASN B 265 9.33 20.51 -14.55
N LEU B 266 9.02 19.85 -15.66
CA LEU B 266 8.77 18.41 -15.69
C LEU B 266 9.84 17.56 -14.98
N LEU B 267 11.10 18.00 -15.09
CA LEU B 267 12.20 17.27 -14.45
C LEU B 267 12.09 17.36 -12.93
N ASN B 268 11.12 18.12 -12.45
CA ASN B 268 10.90 18.31 -11.03
C ASN B 268 9.67 17.53 -10.53
N TRP B 269 9.33 16.43 -11.21
CA TRP B 269 8.19 15.61 -10.81
C TRP B 269 8.61 14.91 -9.53
N GLY B 270 7.76 14.94 -8.51
CA GLY B 270 8.07 14.28 -7.27
C GLY B 270 8.96 15.12 -6.36
N HIS B 271 9.48 16.23 -6.87
CA HIS B 271 10.36 17.10 -6.08
C HIS B 271 9.65 18.20 -5.29
N SER B 272 8.43 18.53 -5.67
CA SER B 272 7.67 19.55 -4.96
C SER B 272 7.40 19.07 -3.53
N ILE B 273 6.83 17.87 -3.40
CA ILE B 273 6.57 17.29 -2.09
C ILE B 273 7.92 16.69 -1.63
N GLY B 274 8.68 16.16 -2.59
CA GLY B 274 9.96 15.55 -2.28
C GLY B 274 10.94 16.44 -1.55
N HIS B 275 11.15 17.65 -2.06
CA HIS B 275 12.06 18.60 -1.43
C HIS B 275 11.53 19.05 -0.08
N ALA B 276 10.21 19.20 0.02
CA ALA B 276 9.53 19.61 1.24
C ALA B 276 9.81 18.57 2.33
N ILE B 277 9.79 17.31 1.92
CA ILE B 277 10.09 16.20 2.82
C ILE B 277 11.59 16.32 3.16
N GLU B 278 12.42 16.21 2.13
CA GLU B 278 13.88 16.27 2.25
C GLU B 278 14.39 17.33 3.21
N ALA B 279 13.88 18.55 3.07
CA ALA B 279 14.29 19.65 3.93
C ALA B 279 14.19 19.24 5.40
N ILE B 280 13.26 18.35 5.72
CA ILE B 280 13.04 17.91 7.08
C ILE B 280 13.75 16.61 7.47
N LEU B 281 13.88 15.68 6.53
CA LEU B 281 14.49 14.39 6.84
C LEU B 281 15.98 14.25 6.55
N THR B 282 16.53 15.18 5.78
CA THR B 282 17.94 15.16 5.44
C THR B 282 18.72 15.52 6.70
N PRO B 283 19.96 15.01 6.85
CA PRO B 283 20.71 14.13 5.95
C PRO B 283 20.48 12.64 6.16
N GLN B 284 19.58 12.30 7.08
CA GLN B 284 19.30 10.90 7.37
C GLN B 284 18.66 10.22 6.16
N ILE B 285 17.82 10.94 5.43
CA ILE B 285 17.18 10.38 4.25
C ILE B 285 17.75 11.00 2.98
N LEU B 286 18.29 10.16 2.11
CA LEU B 286 18.88 10.64 0.87
C LEU B 286 17.85 11.32 -0.01
N HIS B 287 18.34 11.95 -1.07
CA HIS B 287 17.49 12.67 -2.01
C HIS B 287 16.60 11.74 -2.83
N GLY B 288 17.19 10.68 -3.38
CA GLY B 288 16.42 9.75 -4.18
C GLY B 288 15.31 9.12 -3.36
N GLU B 289 15.61 8.87 -2.10
CA GLU B 289 14.66 8.28 -1.17
C GLU B 289 13.47 9.22 -0.96
N CYS B 290 13.76 10.51 -0.78
CA CYS B 290 12.72 11.52 -0.57
C CYS B 290 11.92 11.78 -1.85
N VAL B 291 12.55 11.54 -3.00
CA VAL B 291 11.91 11.73 -4.29
C VAL B 291 10.90 10.63 -4.57
N ALA B 292 11.22 9.39 -4.18
CA ALA B 292 10.32 8.26 -4.39
C ALA B 292 9.02 8.58 -3.69
N ILE B 293 9.13 8.90 -2.40
CA ILE B 293 7.98 9.25 -1.59
C ILE B 293 7.24 10.42 -2.21
N GLY B 294 8.00 11.35 -2.77
CA GLY B 294 7.45 12.53 -3.41
C GLY B 294 6.63 12.21 -4.64
N MET B 295 7.17 11.33 -5.49
CA MET B 295 6.49 10.94 -6.72
C MET B 295 5.18 10.24 -6.39
N VAL B 296 5.17 9.42 -5.35
CA VAL B 296 3.97 8.70 -4.95
C VAL B 296 2.90 9.66 -4.43
N LYS B 297 3.34 10.64 -3.64
CA LYS B 297 2.42 11.63 -3.10
C LYS B 297 1.89 12.53 -4.20
N GLU B 298 2.72 12.80 -5.19
CA GLU B 298 2.32 13.64 -6.33
C GLU B 298 1.44 12.85 -7.29
N ALA B 299 1.65 11.54 -7.37
CA ALA B 299 0.82 10.68 -8.23
C ALA B 299 -0.57 10.66 -7.61
N GLU B 300 -0.62 10.46 -6.30
CA GLU B 300 -1.87 10.42 -5.55
C GLU B 300 -2.68 11.69 -5.75
N LEU B 301 -1.99 12.83 -5.75
CA LEU B 301 -2.62 14.12 -5.94
C LEU B 301 -3.13 14.25 -7.39
N ALA B 302 -2.36 13.73 -8.34
CA ALA B 302 -2.77 13.79 -9.74
C ALA B 302 -4.07 13.03 -9.88
N ARG B 303 -4.14 11.86 -9.24
CA ARG B 303 -5.34 11.04 -9.27
C ARG B 303 -6.45 11.71 -8.49
N HIS B 304 -6.08 12.39 -7.41
CA HIS B 304 -7.02 13.11 -6.57
C HIS B 304 -7.74 14.18 -7.38
N LEU B 305 -6.98 14.81 -8.27
CA LEU B 305 -7.50 15.89 -9.12
C LEU B 305 -8.14 15.37 -10.39
N GLY B 306 -8.18 14.05 -10.54
CA GLY B 306 -8.79 13.47 -11.72
C GLY B 306 -7.88 13.36 -12.93
N ILE B 307 -6.65 13.87 -12.82
CA ILE B 307 -5.71 13.80 -13.94
C ILE B 307 -5.19 12.40 -14.12
N LEU B 308 -4.59 11.87 -13.07
CA LEU B 308 -3.99 10.53 -13.13
C LEU B 308 -4.95 9.38 -12.78
N LYS B 309 -4.62 8.17 -13.21
CA LYS B 309 -5.43 6.97 -12.99
C LYS B 309 -4.93 6.13 -11.84
N GLY B 310 -5.89 5.72 -11.00
CA GLY B 310 -5.60 4.90 -9.86
C GLY B 310 -4.61 3.83 -10.26
N VAL B 311 -4.89 3.18 -11.38
CA VAL B 311 -4.05 2.12 -11.91
C VAL B 311 -2.60 2.57 -12.10
N ALA B 312 -2.43 3.76 -12.70
CA ALA B 312 -1.10 4.28 -12.95
C ALA B 312 -0.39 4.59 -11.64
N VAL B 313 -1.15 5.15 -10.68
CA VAL B 313 -0.60 5.51 -9.36
C VAL B 313 0.00 4.32 -8.63
N SER B 314 -0.79 3.26 -8.46
CA SER B 314 -0.31 2.05 -7.79
C SER B 314 0.82 1.43 -8.60
N ARG B 315 0.80 1.62 -9.91
CA ARG B 315 1.83 1.07 -10.78
C ARG B 315 3.17 1.77 -10.53
N ILE B 316 3.09 3.06 -10.21
CA ILE B 316 4.27 3.85 -9.92
C ILE B 316 4.87 3.24 -8.67
N VAL B 317 4.02 3.09 -7.66
CA VAL B 317 4.41 2.55 -6.37
C VAL B 317 5.16 1.23 -6.52
N LYS B 318 4.54 0.27 -7.21
CA LYS B 318 5.13 -1.05 -7.42
C LYS B 318 6.55 -0.95 -7.97
N CYS B 319 6.72 -0.16 -9.02
CA CYS B 319 8.02 -0.02 -9.64
C CYS B 319 9.08 0.58 -8.72
N LEU B 320 8.65 1.45 -7.81
CA LEU B 320 9.56 2.10 -6.87
C LEU B 320 10.00 1.10 -5.81
N ALA B 321 9.02 0.38 -5.26
CA ALA B 321 9.30 -0.63 -4.24
C ALA B 321 10.24 -1.67 -4.87
N ALA B 322 9.97 -2.00 -6.12
CA ALA B 322 10.76 -2.98 -6.86
C ALA B 322 12.27 -2.69 -6.86
N TYR B 323 12.65 -1.44 -6.68
CA TYR B 323 14.06 -1.11 -6.65
C TYR B 323 14.60 -0.85 -5.25
N GLY B 324 13.78 -1.03 -4.22
CA GLY B 324 14.25 -0.83 -2.86
C GLY B 324 14.13 0.60 -2.38
N LEU B 325 13.30 1.38 -3.05
CA LEU B 325 13.10 2.78 -2.68
C LEU B 325 11.87 2.90 -1.79
N PRO B 326 11.88 3.87 -0.86
CA PRO B 326 10.73 4.05 0.03
C PRO B 326 9.56 4.67 -0.72
N THR B 327 8.36 4.19 -0.43
CA THR B 327 7.17 4.72 -1.10
C THR B 327 6.23 5.43 -0.14
N SER B 328 6.72 5.75 1.05
CA SER B 328 5.93 6.46 2.07
C SER B 328 6.77 6.98 3.24
N LEU B 329 6.33 8.10 3.82
CA LEU B 329 7.03 8.70 4.95
C LEU B 329 7.00 7.79 6.18
N LYS B 330 6.01 6.91 6.25
CA LYS B 330 5.87 6.02 7.39
C LYS B 330 6.83 4.83 7.34
N ASP B 331 7.47 4.65 6.20
CA ASP B 331 8.42 3.57 5.95
C ASP B 331 9.22 3.17 7.20
N ALA B 332 9.31 1.88 7.46
CA ALA B 332 10.02 1.36 8.62
C ALA B 332 11.38 2.02 8.81
N ARG B 333 12.30 1.78 7.86
CA ARG B 333 13.64 2.36 7.94
C ARG B 333 13.70 3.88 7.89
N ILE B 334 12.79 4.50 7.16
CA ILE B 334 12.79 5.95 7.10
C ILE B 334 12.58 6.43 8.53
N ARG B 335 11.98 5.57 9.35
CA ARG B 335 11.68 5.86 10.76
C ARG B 335 12.88 5.67 11.68
N LYS B 336 13.53 4.50 11.58
CA LYS B 336 14.68 4.21 12.43
C LYS B 336 15.86 5.17 12.23
N LEU B 337 16.03 5.66 11.00
CA LEU B 337 17.11 6.60 10.68
C LEU B 337 16.72 7.99 11.13
N THR B 338 15.45 8.32 10.93
CA THR B 338 14.92 9.62 11.30
C THR B 338 14.56 9.72 12.78
N ALA B 339 15.09 8.81 13.59
CA ALA B 339 14.81 8.81 15.03
C ALA B 339 14.64 10.23 15.58
N GLY B 340 13.39 10.58 15.89
CA GLY B 340 13.11 11.89 16.43
C GLY B 340 12.59 12.93 15.45
N LYS B 341 12.38 12.53 14.20
CA LYS B 341 11.88 13.46 13.19
C LYS B 341 10.50 13.08 12.63
N HIS B 342 9.63 14.07 12.52
CA HIS B 342 8.28 13.87 11.97
C HIS B 342 7.94 15.01 11.00
N CYS B 343 7.06 14.72 10.06
CA CYS B 343 6.65 15.72 9.08
C CYS B 343 5.15 16.01 9.08
N SER B 344 4.76 17.00 9.89
CA SER B 344 3.36 17.40 9.96
C SER B 344 3.02 18.11 8.65
N VAL B 345 1.75 18.08 8.26
CA VAL B 345 1.36 18.71 7.02
C VAL B 345 1.72 20.20 7.06
N ASP B 346 1.74 20.77 8.26
CA ASP B 346 2.08 22.18 8.41
C ASP B 346 3.53 22.45 8.04
N GLN B 347 4.46 21.70 8.62
CA GLN B 347 5.89 21.86 8.34
C GLN B 347 6.16 21.66 6.86
N LEU B 348 5.49 20.67 6.29
CA LEU B 348 5.64 20.37 4.87
C LEU B 348 5.09 21.52 4.03
N MET B 349 3.80 21.82 4.22
CA MET B 349 3.18 22.92 3.48
C MET B 349 4.03 24.18 3.55
N PHE B 350 4.64 24.42 4.71
CA PHE B 350 5.51 25.57 4.93
C PHE B 350 6.68 25.48 3.96
N ASN B 351 7.33 24.33 3.94
CA ASN B 351 8.48 24.13 3.07
C ASN B 351 8.11 24.20 1.59
N MET B 352 6.88 23.82 1.25
CA MET B 352 6.43 23.87 -0.14
C MET B 352 6.15 25.30 -0.55
N ALA B 353 6.15 26.20 0.43
CA ALA B 353 5.94 27.62 0.14
C ALA B 353 7.25 28.17 -0.42
N LEU B 354 8.33 27.45 -0.19
CA LEU B 354 9.65 27.84 -0.64
C LEU B 354 10.04 27.13 -1.90
N ASP B 355 9.08 26.51 -2.59
CA ASP B 355 9.39 25.80 -3.82
C ASP B 355 9.67 26.74 -4.98
N LYS B 356 10.86 26.59 -5.57
CA LYS B 356 11.29 27.44 -6.68
C LYS B 356 10.44 27.38 -7.95
N LYS B 357 9.26 26.79 -7.87
CA LYS B 357 8.39 26.72 -9.04
C LYS B 357 7.18 27.61 -8.82
N ASN B 358 6.83 27.81 -7.56
CA ASN B 358 5.69 28.62 -7.21
C ASN B 358 5.70 29.95 -7.97
N ASP B 359 4.65 30.22 -8.70
CA ASP B 359 4.50 31.47 -9.37
C ASP B 359 3.80 32.36 -8.34
N GLY B 360 4.59 33.25 -7.75
CA GLY B 360 4.06 34.08 -6.68
C GLY B 360 3.70 33.14 -5.51
N PRO B 361 2.46 33.22 -5.02
CA PRO B 361 2.05 32.35 -3.92
C PRO B 361 1.36 31.08 -4.45
N LYS B 362 1.05 31.08 -5.74
CA LYS B 362 0.39 29.95 -6.38
C LYS B 362 1.36 28.77 -6.47
N LYS B 363 1.23 27.80 -5.59
CA LYS B 363 2.14 26.66 -5.67
C LYS B 363 1.95 25.93 -7.03
N LYS B 364 3.04 25.39 -7.57
CA LYS B 364 2.96 24.66 -8.83
C LYS B 364 3.62 23.29 -8.70
N ILE B 365 2.91 22.25 -9.14
CA ILE B 365 3.42 20.89 -9.05
C ILE B 365 3.24 20.19 -10.39
N VAL B 366 4.16 19.29 -10.73
CA VAL B 366 4.08 18.56 -11.98
C VAL B 366 3.04 17.45 -11.83
N LEU B 367 2.06 17.43 -12.73
CA LEU B 367 1.00 16.44 -12.70
C LEU B 367 1.10 15.49 -13.89
N LEU B 368 1.06 14.18 -13.62
CA LEU B 368 1.13 13.19 -14.69
C LEU B 368 -0.28 12.70 -15.05
N SER B 369 -0.59 12.64 -16.34
CA SER B 369 -1.91 12.18 -16.73
C SER B 369 -1.92 10.68 -17.00
N ALA B 370 -0.72 10.15 -17.22
CA ALA B 370 -0.54 8.73 -17.49
C ALA B 370 0.96 8.51 -17.47
N ILE B 371 1.39 7.28 -17.22
CA ILE B 371 2.81 6.99 -17.17
C ILE B 371 3.54 7.36 -18.47
N GLY B 372 4.44 8.33 -18.37
CA GLY B 372 5.20 8.78 -19.53
C GLY B 372 4.53 9.93 -20.29
N THR B 373 3.57 10.59 -19.66
CA THR B 373 2.83 11.69 -20.27
C THR B 373 2.34 12.74 -19.24
N PRO B 374 2.97 13.92 -19.24
CA PRO B 374 2.66 15.04 -18.35
C PRO B 374 1.32 15.67 -18.69
N TYR B 375 0.68 16.23 -17.69
CA TYR B 375 -0.62 16.87 -17.90
C TYR B 375 -0.43 18.14 -18.78
N GLU B 376 0.67 18.85 -18.52
CA GLU B 376 1.05 20.07 -19.25
C GLU B 376 2.56 20.00 -19.44
N THR B 377 3.10 20.92 -20.23
CA THR B 377 4.53 20.97 -20.46
C THR B 377 5.13 22.02 -19.51
N ARG B 378 4.65 22.00 -18.27
CA ARG B 378 5.09 22.94 -17.22
C ARG B 378 4.42 22.47 -15.93
N ALA B 379 4.71 23.14 -14.82
CA ALA B 379 4.11 22.78 -13.54
C ALA B 379 2.69 23.30 -13.48
N SER B 380 1.81 22.51 -12.91
CA SER B 380 0.41 22.88 -12.79
C SER B 380 0.17 23.55 -11.44
N VAL B 381 -0.60 24.64 -11.45
CA VAL B 381 -0.91 25.37 -10.22
C VAL B 381 -1.90 24.54 -9.42
N VAL B 382 -1.52 24.20 -8.19
CA VAL B 382 -2.39 23.39 -7.36
C VAL B 382 -2.74 24.11 -6.05
N ALA B 383 -4.04 24.19 -5.78
CA ALA B 383 -4.55 24.82 -4.56
C ALA B 383 -3.94 24.18 -3.33
N ASN B 384 -3.83 24.95 -2.24
CA ASN B 384 -3.24 24.42 -1.01
C ASN B 384 -4.09 23.35 -0.31
N GLU B 385 -5.40 23.47 -0.40
CA GLU B 385 -6.26 22.49 0.25
C GLU B 385 -6.10 21.11 -0.36
N ASP B 386 -5.92 21.07 -1.68
CA ASP B 386 -5.75 19.78 -2.37
C ASP B 386 -4.43 19.15 -1.99
N ILE B 387 -3.38 19.97 -1.91
CA ILE B 387 -2.07 19.48 -1.52
C ILE B 387 -2.17 18.85 -0.12
N ARG B 388 -2.90 19.51 0.77
CA ARG B 388 -3.08 19.05 2.14
C ARG B 388 -3.74 17.67 2.26
N VAL B 389 -4.81 17.45 1.51
CA VAL B 389 -5.49 16.15 1.57
C VAL B 389 -4.55 14.98 1.28
N VAL B 390 -3.81 15.03 0.18
CA VAL B 390 -2.90 13.95 -0.19
C VAL B 390 -1.67 13.85 0.72
N LEU B 391 -1.66 14.61 1.81
CA LEU B 391 -0.56 14.59 2.77
C LEU B 391 -1.11 14.15 4.12
N ALA B 392 -2.42 13.90 4.16
CA ALA B 392 -3.12 13.49 5.37
C ALA B 392 -2.55 12.23 5.98
N PRO B 393 -2.37 12.21 7.31
CA PRO B 393 -1.84 11.02 7.97
C PRO B 393 -2.80 9.84 7.82
#